data_6GGS
#
_entry.id   6GGS
#
_entity_poly.entity_id   1
_entity_poly.type   'polypeptide(L)'
_entity_poly.pdbx_seq_one_letter_code
;LQPGIAQQWIQSKREDIVNQMTEACLNQSLDALLSRDLIMKEDYELVSTKPTRTSKVRQLLDTTDIQGEEFAKVIVQKLK
DNKQMGLQPYPEILVVSRSPSLNLLQNKSM
;
_entity_poly.pdbx_strand_id   F,A,B,C,D,E,G,H,I,J
#
# COMPACT_ATOMS: atom_id res chain seq x y z
N PRO A 3 13.22 -27.36 -2.93
CA PRO A 3 12.81 -28.14 -1.76
C PRO A 3 13.31 -27.53 -0.46
N GLY A 4 14.47 -27.99 0.01
CA GLY A 4 15.08 -27.46 1.20
C GLY A 4 14.82 -28.31 2.43
N ILE A 5 15.80 -28.28 3.33
CA ILE A 5 15.73 -28.99 4.60
C ILE A 5 15.21 -28.09 5.71
N ALA A 6 15.60 -26.82 5.70
CA ALA A 6 14.99 -25.87 6.63
C ALA A 6 13.56 -25.53 6.23
N GLN A 7 13.25 -25.62 4.95
CA GLN A 7 11.89 -25.44 4.46
C GLN A 7 11.08 -26.72 4.46
N GLN A 8 11.42 -27.69 5.32
CA GLN A 8 10.58 -28.87 5.44
C GLN A 8 9.31 -28.57 6.23
N TRP A 9 9.31 -27.48 6.99
CA TRP A 9 8.28 -27.25 7.99
C TRP A 9 7.49 -25.97 7.79
N ILE A 10 8.10 -24.92 7.26
CA ILE A 10 7.40 -23.65 7.14
C ILE A 10 6.35 -23.66 6.05
N GLN A 11 6.57 -24.42 4.97
CA GLN A 11 5.48 -24.69 4.05
C GLN A 11 4.51 -25.70 4.61
N SER A 12 4.98 -26.56 5.52
CA SER A 12 4.12 -27.60 6.07
C SER A 12 3.10 -27.02 7.03
N LYS A 13 3.48 -26.00 7.78
CA LYS A 13 2.60 -25.36 8.74
C LYS A 13 2.47 -23.87 8.44
N ARG A 14 2.33 -23.53 7.15
CA ARG A 14 2.11 -22.13 6.79
C ARG A 14 0.76 -21.64 7.25
N GLU A 15 -0.27 -22.49 7.18
CA GLU A 15 -1.56 -22.13 7.73
C GLU A 15 -1.52 -22.00 9.24
N ASP A 16 -0.65 -22.76 9.90
CA ASP A 16 -0.41 -22.54 11.33
C ASP A 16 0.28 -21.19 11.55
N ILE A 17 1.38 -20.95 10.83
CA ILE A 17 2.23 -19.81 11.13
C ILE A 17 1.65 -18.49 10.66
N VAL A 18 0.55 -18.50 9.90
CA VAL A 18 -0.04 -17.22 9.53
C VAL A 18 -0.92 -16.69 10.67
N ASN A 19 -1.70 -17.54 11.31
CA ASN A 19 -2.60 -17.09 12.37
C ASN A 19 -2.09 -17.44 13.76
N GLN A 20 -0.79 -17.70 13.90
CA GLN A 20 -0.22 -17.94 15.22
C GLN A 20 1.04 -17.13 15.48
N MET A 21 1.79 -16.75 14.45
CA MET A 21 2.95 -15.89 14.61
C MET A 21 2.47 -14.45 14.66
N THR A 22 2.60 -13.84 15.84
CA THR A 22 2.12 -12.47 16.00
C THR A 22 3.07 -11.49 15.35
N GLU A 23 2.61 -10.25 15.22
CA GLU A 23 3.33 -9.23 14.47
C GLU A 23 4.64 -8.82 15.13
N ALA A 24 4.75 -8.93 16.44
CA ALA A 24 6.05 -8.64 17.03
C ALA A 24 6.98 -9.84 16.97
N CYS A 25 6.45 -11.06 17.09
CA CYS A 25 7.26 -12.24 16.82
C CYS A 25 7.60 -12.35 15.34
N LEU A 26 6.75 -11.76 14.49
CA LEU A 26 7.16 -11.44 13.13
C LEU A 26 8.34 -10.49 13.12
N ASN A 27 8.17 -9.34 13.76
CA ASN A 27 9.18 -8.29 13.65
C ASN A 27 10.41 -8.50 14.53
N GLN A 28 10.35 -9.31 15.58
CA GLN A 28 11.59 -9.61 16.29
C GLN A 28 12.49 -10.51 15.48
N SER A 29 11.93 -11.25 14.53
CA SER A 29 12.71 -12.12 13.66
C SER A 29 13.02 -11.48 12.33
N LEU A 30 12.10 -10.67 11.80
CA LEU A 30 12.30 -10.11 10.47
C LEU A 30 13.33 -8.99 10.51
N ASP A 31 13.37 -8.23 11.61
CA ASP A 31 14.47 -7.29 11.81
C ASP A 31 15.76 -8.03 12.11
N ALA A 32 15.68 -9.21 12.72
CA ALA A 32 16.87 -10.02 12.93
C ALA A 32 17.39 -10.62 11.64
N LEU A 33 16.57 -10.67 10.58
CA LEU A 33 17.06 -11.14 9.30
C LEU A 33 18.01 -10.14 8.66
N LEU A 34 17.90 -8.86 9.02
CA LEU A 34 18.85 -7.87 8.54
C LEU A 34 20.10 -7.81 9.38
N SER A 35 20.24 -8.68 10.39
CA SER A 35 21.41 -8.63 11.24
C SER A 35 22.62 -9.29 10.60
N ARG A 36 22.40 -10.38 9.85
CA ARG A 36 23.48 -11.08 9.17
C ARG A 36 23.65 -10.63 7.74
N ASP A 37 22.98 -9.52 7.35
CA ASP A 37 22.79 -9.11 5.95
C ASP A 37 22.21 -10.27 5.14
N LEU A 38 21.25 -10.97 5.75
CA LEU A 38 20.78 -12.26 5.28
C LEU A 38 19.46 -12.14 4.53
N ILE A 39 18.67 -11.13 4.84
CA ILE A 39 17.60 -10.69 3.97
C ILE A 39 18.08 -9.38 3.35
N MET A 40 17.39 -8.92 2.32
CA MET A 40 17.78 -7.69 1.67
C MET A 40 17.35 -6.47 2.47
N LYS A 41 17.81 -5.31 2.05
CA LYS A 41 17.56 -4.06 2.75
C LYS A 41 16.55 -3.18 2.02
N GLU A 42 15.82 -3.75 1.06
CA GLU A 42 14.69 -3.03 0.47
C GLU A 42 13.45 -3.88 0.26
N ASP A 43 13.49 -5.18 0.51
CA ASP A 43 12.26 -5.94 0.73
C ASP A 43 11.73 -5.79 2.14
N TYR A 44 12.52 -5.24 3.06
CA TYR A 44 12.07 -5.07 4.44
C TYR A 44 10.94 -4.04 4.51
N GLU A 45 11.09 -2.93 3.81
CA GLU A 45 10.02 -1.95 3.79
C GLU A 45 8.95 -2.28 2.77
N LEU A 46 8.97 -3.47 2.17
CA LEU A 46 7.85 -3.98 1.39
C LEU A 46 7.00 -4.94 2.19
N VAL A 47 7.59 -5.66 3.13
CA VAL A 47 6.83 -6.53 4.02
C VAL A 47 6.30 -5.77 5.24
N SER A 48 7.01 -4.74 5.70
CA SER A 48 6.52 -3.94 6.81
C SER A 48 5.46 -2.94 6.40
N THR A 49 5.44 -2.54 5.13
CA THR A 49 4.49 -1.53 4.67
C THR A 49 3.10 -2.09 4.41
N LYS A 50 2.93 -3.40 4.50
CA LYS A 50 1.61 -4.00 4.36
C LYS A 50 0.72 -3.51 5.48
N PRO A 51 -0.44 -2.93 5.19
CA PRO A 51 -1.23 -2.30 6.25
C PRO A 51 -1.84 -3.32 7.19
N THR A 52 -2.29 -4.44 6.67
CA THR A 52 -2.81 -5.50 7.51
C THR A 52 -1.68 -6.42 7.96
N ARG A 53 -1.93 -7.15 9.04
CA ARG A 53 -0.94 -8.10 9.52
C ARG A 53 -1.01 -9.40 8.74
N THR A 54 -2.16 -9.74 8.16
CA THR A 54 -2.31 -11.01 7.45
C THR A 54 -1.50 -11.05 6.16
N SER A 55 -1.07 -9.90 5.64
CA SER A 55 -0.07 -9.89 4.60
C SER A 55 1.28 -9.42 5.09
N LYS A 56 1.33 -8.81 6.27
CA LYS A 56 2.62 -8.47 6.87
C LYS A 56 3.36 -9.73 7.31
N VAL A 57 2.63 -10.80 7.64
CA VAL A 57 3.32 -12.05 7.97
C VAL A 57 3.57 -12.87 6.71
N ARG A 58 2.66 -12.83 5.73
CA ARG A 58 2.79 -13.71 4.59
C ARG A 58 3.75 -13.20 3.54
N GLN A 59 3.96 -11.89 3.44
CA GLN A 59 4.98 -11.39 2.53
C GLN A 59 6.38 -11.75 3.03
N LEU A 60 6.54 -12.03 4.32
CA LEU A 60 7.71 -12.77 4.75
C LEU A 60 7.57 -14.25 4.41
N LEU A 61 6.38 -14.81 4.59
CA LEU A 61 6.22 -16.26 4.46
C LEU A 61 6.29 -16.78 3.04
N ASP A 62 6.16 -15.92 2.02
CA ASP A 62 6.54 -16.37 0.69
C ASP A 62 7.96 -15.98 0.33
N THR A 63 8.50 -14.96 0.99
CA THR A 63 9.92 -14.63 0.84
C THR A 63 10.78 -15.75 1.40
N THR A 64 10.35 -16.36 2.50
CA THR A 64 11.07 -17.52 2.98
C THR A 64 10.75 -18.78 2.17
N ASP A 65 9.71 -18.76 1.32
CA ASP A 65 9.51 -19.85 0.39
C ASP A 65 10.45 -19.75 -0.80
N ILE A 66 10.93 -18.54 -1.11
CA ILE A 66 11.75 -18.35 -2.30
C ILE A 66 13.22 -18.22 -1.91
N GLN A 67 13.50 -17.64 -0.75
CA GLN A 67 14.89 -17.58 -0.32
C GLN A 67 15.34 -18.97 0.18
N GLY A 68 16.65 -19.12 0.30
CA GLY A 68 17.25 -20.43 0.44
C GLY A 68 17.01 -21.08 1.79
N GLU A 69 17.62 -22.26 1.96
CA GLU A 69 17.51 -22.94 3.24
C GLU A 69 18.38 -22.28 4.29
N GLU A 70 19.40 -21.52 3.88
CA GLU A 70 20.15 -20.70 4.83
C GLU A 70 19.35 -19.51 5.33
N PHE A 71 18.28 -19.15 4.63
CA PHE A 71 17.35 -18.14 5.10
C PHE A 71 16.42 -18.72 6.17
N ALA A 72 15.78 -19.84 5.85
CA ALA A 72 14.79 -20.43 6.75
C ALA A 72 15.42 -21.14 7.94
N LYS A 73 16.72 -21.45 7.90
CA LYS A 73 17.33 -22.12 9.05
C LYS A 73 17.56 -21.18 10.20
N VAL A 74 17.45 -19.87 9.97
CA VAL A 74 17.57 -18.88 11.04
C VAL A 74 16.23 -18.28 11.40
N ILE A 75 15.20 -18.45 10.57
CA ILE A 75 13.86 -17.99 10.95
C ILE A 75 13.17 -19.00 11.84
N VAL A 76 13.71 -20.21 11.98
CA VAL A 76 13.01 -21.26 12.68
C VAL A 76 13.30 -21.26 14.18
N GLN A 77 14.55 -21.07 14.62
CA GLN A 77 14.80 -21.02 16.06
C GLN A 77 14.43 -19.68 16.65
N LYS A 78 14.26 -18.65 15.81
CA LYS A 78 13.59 -17.45 16.25
C LYS A 78 12.09 -17.65 16.38
N LEU A 79 11.56 -18.79 15.94
CA LEU A 79 10.20 -19.19 16.20
C LEU A 79 10.10 -20.38 17.14
N LYS A 80 11.23 -20.91 17.61
CA LYS A 80 11.22 -21.92 18.66
C LYS A 80 11.65 -21.37 20.01
N ASP A 81 12.38 -20.25 20.04
CA ASP A 81 12.70 -19.62 21.32
C ASP A 81 11.45 -19.01 21.95
N ASN A 82 10.53 -18.52 21.14
CA ASN A 82 9.24 -18.10 21.65
C ASN A 82 8.44 -19.33 22.05
N LYS A 83 7.88 -19.31 23.25
CA LYS A 83 7.07 -20.43 23.74
C LYS A 83 5.72 -20.38 23.02
N GLN A 84 5.72 -20.86 21.78
CA GLN A 84 4.52 -20.89 20.96
C GLN A 84 4.09 -22.31 20.63
N MET A 85 4.97 -23.08 19.99
CA MET A 85 4.74 -24.43 19.48
C MET A 85 6.07 -24.98 18.99
N GLY A 86 6.28 -26.28 19.17
CA GLY A 86 7.58 -26.85 18.85
C GLY A 86 7.58 -27.97 17.83
N LEU A 87 8.09 -27.68 16.64
CA LEU A 87 8.33 -28.65 15.58
C LEU A 87 9.47 -28.11 14.73
N GLN A 88 10.46 -28.95 14.46
CA GLN A 88 11.60 -28.51 13.66
C GLN A 88 11.37 -28.81 12.18
N PRO B 3 -1.07 13.09 -44.97
CA PRO B 3 -0.04 14.04 -44.55
C PRO B 3 -0.43 14.76 -43.26
N GLY B 4 -1.04 15.94 -43.41
CA GLY B 4 -1.50 16.70 -42.27
C GLY B 4 -0.55 17.81 -41.87
N ILE B 5 -1.14 18.88 -41.33
CA ILE B 5 -0.40 20.03 -40.84
C ILE B 5 -0.15 19.92 -39.34
N ALA B 6 -1.11 19.40 -38.59
CA ALA B 6 -0.86 19.10 -37.18
C ALA B 6 0.05 17.89 -37.02
N GLN B 7 0.03 16.98 -37.98
CA GLN B 7 0.93 15.84 -38.00
C GLN B 7 2.25 16.14 -38.69
N GLN B 8 2.68 17.40 -38.75
CA GLN B 8 4.00 17.70 -39.27
C GLN B 8 5.09 17.32 -38.28
N TRP B 9 4.73 17.17 -37.01
CA TRP B 9 5.72 17.10 -35.94
C TRP B 9 5.67 15.82 -35.13
N ILE B 10 4.50 15.22 -34.95
CA ILE B 10 4.40 14.04 -34.09
C ILE B 10 5.00 12.80 -34.75
N GLN B 11 4.93 12.69 -36.08
CA GLN B 11 5.73 11.68 -36.75
C GLN B 11 7.19 12.09 -36.82
N SER B 12 7.46 13.39 -36.78
CA SER B 12 8.84 13.86 -36.90
C SER B 12 9.63 13.57 -35.64
N LYS B 13 8.99 13.66 -34.49
CA LYS B 13 9.63 13.41 -33.21
C LYS B 13 8.91 12.30 -32.46
N ARG B 14 8.52 11.23 -33.17
CA ARG B 14 7.91 10.11 -32.51
C ARG B 14 8.89 9.37 -31.60
N GLU B 15 10.15 9.27 -32.04
CA GLU B 15 11.18 8.68 -31.17
C GLU B 15 11.46 9.57 -29.98
N ASP B 16 11.29 10.89 -30.12
CA ASP B 16 11.35 11.77 -28.96
C ASP B 16 10.16 11.52 -28.04
N ILE B 17 8.94 11.53 -28.60
CA ILE B 17 7.74 11.52 -27.78
C ILE B 17 7.43 10.15 -27.18
N VAL B 18 8.14 9.10 -27.57
CA VAL B 18 7.89 7.82 -26.92
C VAL B 18 8.64 7.74 -25.58
N ASN B 19 9.88 8.21 -25.52
CA ASN B 19 10.67 8.11 -24.30
C ASN B 19 10.78 9.46 -23.57
N GLN B 20 9.88 10.39 -23.86
CA GLN B 20 9.85 11.65 -23.12
C GLN B 20 8.48 12.03 -22.61
N MET B 21 7.40 11.58 -23.25
CA MET B 21 6.04 11.82 -22.78
C MET B 21 5.72 10.78 -21.73
N THR B 22 5.61 11.21 -20.48
CA THR B 22 5.36 10.27 -19.39
C THR B 22 3.91 9.83 -19.41
N GLU B 23 3.63 8.79 -18.62
CA GLU B 23 2.33 8.14 -18.64
C GLU B 23 1.21 9.02 -18.10
N ALA B 24 1.51 9.96 -17.22
CA ALA B 24 0.44 10.86 -16.81
C ALA B 24 0.26 12.00 -17.78
N CYS B 25 1.35 12.49 -18.39
CA CYS B 25 1.21 13.44 -19.49
C CYS B 25 0.62 12.77 -20.72
N LEU B 26 0.80 11.45 -20.84
CA LEU B 26 -0.05 10.65 -21.72
C LEU B 26 -1.50 10.74 -21.30
N ASN B 27 -1.79 10.39 -20.05
CA ASN B 27 -3.17 10.26 -19.62
C ASN B 27 -3.86 11.58 -19.31
N GLN B 28 -3.13 12.67 -19.04
CA GLN B 28 -3.82 13.95 -18.91
C GLN B 28 -4.31 14.46 -20.26
N SER B 29 -3.73 13.98 -21.34
CA SER B 29 -4.14 14.36 -22.68
C SER B 29 -5.07 13.34 -23.30
N LEU B 30 -4.85 12.05 -23.03
CA LEU B 30 -5.64 11.03 -23.69
C LEU B 30 -7.05 10.97 -23.10
N ASP B 31 -7.18 11.23 -21.80
CA ASP B 31 -8.51 11.42 -21.24
C ASP B 31 -9.13 12.73 -21.70
N ALA B 32 -8.30 13.73 -22.00
CA ALA B 32 -8.81 14.97 -22.56
C ALA B 32 -9.28 14.79 -24.00
N LEU B 33 -8.84 13.73 -24.68
CA LEU B 33 -9.33 13.47 -26.02
C LEU B 33 -10.79 13.00 -26.01
N LEU B 34 -11.26 12.45 -24.89
CA LEU B 34 -12.65 12.09 -24.77
C LEU B 34 -13.51 13.26 -24.31
N SER B 35 -12.92 14.46 -24.16
CA SER B 35 -13.70 15.58 -23.67
C SER B 35 -14.52 16.22 -24.79
N ARG B 36 -13.98 16.26 -26.01
CA ARG B 36 -14.69 16.83 -27.15
C ARG B 36 -15.42 15.77 -27.95
N ASP B 37 -15.53 14.54 -27.42
CA ASP B 37 -15.94 13.34 -28.16
C ASP B 37 -15.08 13.18 -29.41
N LEU B 38 -13.78 13.45 -29.25
CA LEU B 38 -12.86 13.63 -30.35
C LEU B 38 -12.02 12.39 -30.62
N ILE B 39 -11.79 11.58 -29.60
CA ILE B 39 -11.37 10.21 -29.78
C ILE B 39 -12.58 9.34 -29.48
N MET B 40 -12.50 8.07 -29.84
CA MET B 40 -13.62 7.17 -29.58
C MET B 40 -13.67 6.75 -28.13
N LYS B 41 -14.75 6.07 -27.77
CA LYS B 41 -14.99 5.65 -26.40
C LYS B 41 -14.79 4.15 -26.21
N GLU B 42 -14.15 3.49 -27.16
CA GLU B 42 -13.73 2.11 -26.95
C GLU B 42 -12.33 1.78 -27.45
N ASP B 43 -11.64 2.71 -28.11
CA ASP B 43 -10.20 2.60 -28.23
C ASP B 43 -9.47 3.11 -27.00
N TYR B 44 -10.16 3.80 -26.09
CA TYR B 44 -9.52 4.29 -24.87
C TYR B 44 -9.11 3.15 -23.97
N GLU B 45 -9.98 2.16 -23.79
CA GLU B 45 -9.58 1.01 -23.00
C GLU B 45 -8.79 -0.01 -23.80
N LEU B 46 -8.37 0.31 -25.01
CA LEU B 46 -7.39 -0.49 -25.73
C LEU B 46 -5.99 0.09 -25.62
N VAL B 47 -5.87 1.41 -25.48
CA VAL B 47 -4.58 2.03 -25.25
C VAL B 47 -4.22 2.07 -23.77
N SER B 48 -5.20 2.15 -22.88
CA SER B 48 -4.93 2.13 -21.45
C SER B 48 -4.67 0.72 -20.94
N THR B 49 -5.16 -0.31 -21.62
CA THR B 49 -5.01 -1.67 -21.15
C THR B 49 -3.66 -2.27 -21.48
N LYS B 50 -2.82 -1.56 -22.24
CA LYS B 50 -1.47 -2.01 -22.49
C LYS B 50 -0.71 -2.09 -21.19
N PRO B 51 -0.12 -3.24 -20.84
CA PRO B 51 0.49 -3.36 -19.51
C PRO B 51 1.74 -2.53 -19.37
N THR B 52 2.56 -2.45 -20.41
CA THR B 52 3.73 -1.61 -20.38
C THR B 52 3.38 -0.20 -20.82
N ARG B 53 4.23 0.74 -20.45
CA ARG B 53 4.01 2.12 -20.88
C ARG B 53 4.54 2.35 -22.29
N THR B 54 5.50 1.56 -22.74
CA THR B 54 6.09 1.76 -24.07
C THR B 54 5.12 1.43 -25.19
N SER B 55 4.05 0.69 -24.91
CA SER B 55 2.95 0.58 -25.86
C SER B 55 1.72 1.35 -25.40
N LYS B 56 1.68 1.76 -24.13
CA LYS B 56 0.59 2.62 -23.69
C LYS B 56 0.74 4.02 -24.29
N VAL B 57 1.96 4.44 -24.61
CA VAL B 57 2.11 5.71 -25.29
C VAL B 57 2.00 5.54 -26.81
N ARG B 58 2.48 4.43 -27.36
CA ARG B 58 2.53 4.29 -28.81
C ARG B 58 1.21 3.88 -29.43
N GLN B 59 0.35 3.19 -28.67
CA GLN B 59 -0.97 2.89 -29.19
C GLN B 59 -1.81 4.16 -29.29
N LEU B 60 -1.48 5.20 -28.54
CA LEU B 60 -1.96 6.53 -28.90
C LEU B 60 -1.19 7.08 -30.08
N LEU B 61 0.13 6.87 -30.11
CA LEU B 61 0.96 7.54 -31.12
C LEU B 61 0.80 6.98 -32.53
N ASP B 62 0.22 5.80 -32.71
CA ASP B 62 -0.21 5.44 -34.05
C ASP B 62 -1.67 5.77 -34.30
N THR B 63 -2.46 5.88 -33.24
CA THR B 63 -3.83 6.37 -33.37
C THR B 63 -3.84 7.82 -33.83
N THR B 64 -2.90 8.62 -33.33
CA THR B 64 -2.77 9.97 -33.85
C THR B 64 -2.09 10.01 -35.21
N ASP B 65 -1.46 8.91 -35.65
CA ASP B 65 -0.98 8.85 -37.02
C ASP B 65 -2.11 8.57 -37.99
N ILE B 66 -3.19 7.94 -37.53
CA ILE B 66 -4.26 7.55 -38.43
C ILE B 66 -5.44 8.51 -38.30
N GLN B 67 -5.67 9.05 -37.11
CA GLN B 67 -6.73 10.03 -36.98
C GLN B 67 -6.28 11.37 -37.58
N GLY B 68 -7.25 12.25 -37.81
CA GLY B 68 -7.04 13.40 -38.66
C GLY B 68 -6.17 14.47 -38.04
N GLU B 69 -6.04 15.58 -38.77
CA GLU B 69 -5.27 16.70 -38.24
C GLU B 69 -6.06 17.45 -37.17
N GLU B 70 -7.39 17.31 -37.15
CA GLU B 70 -8.18 17.84 -36.05
C GLU B 70 -7.99 17.04 -34.77
N PHE B 71 -7.47 15.82 -34.88
CA PHE B 71 -7.09 15.03 -33.72
C PHE B 71 -5.77 15.52 -33.14
N ALA B 72 -4.76 15.60 -33.99
CA ALA B 72 -3.42 15.97 -33.55
C ALA B 72 -3.27 17.45 -33.23
N LYS B 73 -4.19 18.30 -33.67
CA LYS B 73 -4.07 19.72 -33.36
C LYS B 73 -4.43 20.02 -31.92
N VAL B 74 -5.08 19.07 -31.23
CA VAL B 74 -5.40 19.24 -29.82
C VAL B 74 -4.51 18.39 -28.93
N ILE B 75 -3.78 17.41 -29.48
CA ILE B 75 -2.82 16.65 -28.69
C ILE B 75 -1.50 17.41 -28.56
N VAL B 76 -1.31 18.48 -29.33
CA VAL B 76 -0.01 19.14 -29.37
C VAL B 76 0.14 20.22 -28.30
N GLN B 77 -0.88 21.06 -28.06
CA GLN B 77 -0.75 22.06 -27.01
C GLN B 77 -0.98 21.47 -25.63
N LYS B 78 -1.57 20.27 -25.56
CA LYS B 78 -1.51 19.48 -24.34
C LYS B 78 -0.13 18.86 -24.12
N LEU B 79 0.75 18.95 -25.11
CA LEU B 79 2.15 18.60 -24.94
C LEU B 79 3.07 19.81 -24.99
N LYS B 80 2.53 21.02 -25.18
CA LYS B 80 3.32 22.23 -25.05
C LYS B 80 3.02 22.99 -23.76
N ASP B 81 1.86 22.77 -23.14
CA ASP B 81 1.61 23.36 -21.83
C ASP B 81 2.48 22.73 -20.76
N ASN B 82 2.79 21.45 -20.89
CA ASN B 82 3.78 20.83 -20.02
C ASN B 82 5.15 21.36 -20.39
N LYS B 83 5.92 21.78 -19.38
CA LYS B 83 7.28 22.27 -19.61
C LYS B 83 8.18 21.07 -19.88
N GLN B 84 8.10 20.59 -21.12
CA GLN B 84 8.89 19.45 -21.54
C GLN B 84 9.89 19.82 -22.64
N MET B 85 9.39 20.34 -23.76
CA MET B 85 10.13 20.67 -24.97
C MET B 85 9.20 21.40 -25.92
N GLY B 86 9.72 22.37 -26.66
CA GLY B 86 8.86 23.19 -27.48
C GLY B 86 9.17 23.21 -28.97
N LEU B 87 8.29 22.58 -29.76
CA LEU B 87 8.32 22.61 -31.20
C LEU B 87 6.89 22.39 -31.69
N GLN B 88 6.43 23.25 -32.59
CA GLN B 88 5.07 23.11 -33.09
C GLN B 88 5.03 22.26 -34.36
N PRO C 3 25.56 -18.41 -27.79
CA PRO C 3 26.10 -19.18 -26.66
C PRO C 3 26.41 -18.29 -25.47
N GLY C 4 27.65 -17.84 -25.37
CA GLY C 4 28.06 -16.94 -24.31
C GLY C 4 28.76 -17.65 -23.17
N ILE C 5 29.69 -16.91 -22.54
CA ILE C 5 30.43 -17.39 -21.39
C ILE C 5 29.78 -16.96 -20.09
N ALA C 6 29.23 -15.75 -20.04
CA ALA C 6 28.43 -15.36 -18.89
C ALA C 6 27.10 -16.07 -18.87
N GLN C 7 26.57 -16.44 -20.03
CA GLN C 7 25.35 -17.23 -20.13
C GLN C 7 25.61 -18.73 -20.07
N GLN C 8 26.71 -19.17 -19.46
CA GLN C 8 26.91 -20.60 -19.26
C GLN C 8 26.01 -21.13 -18.14
N TRP C 9 25.52 -20.25 -17.29
CA TRP C 9 24.91 -20.67 -16.04
C TRP C 9 23.45 -20.24 -15.88
N ILE C 10 23.07 -19.08 -16.42
CA ILE C 10 21.71 -18.59 -16.20
C ILE C 10 20.68 -19.39 -16.99
N GLN C 11 21.03 -19.90 -18.17
CA GLN C 11 20.18 -20.89 -18.80
C GLN C 11 20.31 -22.24 -18.13
N SER C 12 21.43 -22.51 -17.49
CA SER C 12 21.65 -23.80 -16.86
C SER C 12 20.81 -23.95 -15.61
N LYS C 13 20.62 -22.88 -14.86
CA LYS C 13 19.82 -22.88 -13.64
C LYS C 13 18.69 -21.88 -13.74
N ARG C 14 18.02 -21.82 -14.90
CA ARG C 14 16.87 -20.93 -15.02
C ARG C 14 15.71 -21.41 -14.16
N GLU C 15 15.51 -22.73 -14.07
CA GLU C 15 14.49 -23.25 -13.17
C GLU C 15 14.85 -23.01 -11.72
N ASP C 16 16.14 -22.96 -11.40
CA ASP C 16 16.55 -22.52 -10.06
C ASP C 16 16.24 -21.04 -9.87
N ILE C 17 16.66 -20.20 -10.81
CA ILE C 17 16.62 -18.75 -10.60
C ILE C 17 15.21 -18.18 -10.75
N VAL C 18 14.24 -18.96 -11.21
CA VAL C 18 12.89 -18.42 -11.26
C VAL C 18 12.22 -18.50 -9.89
N ASN C 19 12.39 -19.61 -9.16
CA ASN C 19 11.74 -19.77 -7.87
C ASN C 19 12.71 -19.58 -6.71
N GLN C 20 13.84 -18.92 -6.93
CA GLN C 20 14.76 -18.62 -5.84
C GLN C 20 15.20 -17.16 -5.81
N MET C 21 15.22 -16.47 -6.94
CA MET C 21 15.54 -15.05 -7.00
C MET C 21 14.27 -14.28 -6.64
N THR C 22 14.27 -13.64 -5.48
CA THR C 22 13.09 -12.91 -5.05
C THR C 22 12.96 -11.60 -5.80
N GLU C 23 11.79 -10.98 -5.65
CA GLU C 23 11.45 -9.80 -6.44
C GLU C 23 12.29 -8.58 -6.09
N ALA C 24 12.80 -8.48 -4.87
CA ALA C 24 13.70 -7.37 -4.60
C ALA C 24 15.12 -7.67 -5.04
N CYS C 25 15.56 -8.92 -4.94
CA CYS C 25 16.83 -9.30 -5.54
C CYS C 25 16.74 -9.29 -7.06
N LEU C 26 15.53 -9.46 -7.59
CA LEU C 26 15.25 -9.08 -8.97
C LEU C 26 15.48 -7.58 -9.16
N ASN C 27 14.79 -6.77 -8.37
CA ASN C 27 14.78 -5.34 -8.61
C ASN C 27 16.04 -4.63 -8.10
N GLN C 28 16.81 -5.20 -7.18
CA GLN C 28 18.08 -4.55 -6.84
C GLN C 28 19.09 -4.71 -7.96
N SER C 29 18.91 -5.70 -8.81
CA SER C 29 19.79 -5.92 -9.95
C SER C 29 19.24 -5.33 -11.23
N LEU C 30 17.92 -5.38 -11.41
CA LEU C 30 17.34 -4.93 -12.67
C LEU C 30 17.36 -3.41 -12.76
N ASP C 31 17.20 -2.72 -11.63
CA ASP C 31 17.43 -1.29 -11.61
C ASP C 31 18.92 -0.97 -11.74
N ALA C 32 19.78 -1.87 -11.28
CA ALA C 32 21.21 -1.69 -11.46
C ALA C 32 21.62 -1.89 -12.92
N LEU C 33 20.79 -2.56 -13.71
CA LEU C 33 21.09 -2.70 -15.13
C LEU C 33 20.94 -1.37 -15.87
N LEU C 34 20.14 -0.45 -15.34
CA LEU C 34 20.04 0.88 -15.93
C LEU C 34 21.13 1.81 -15.43
N SER C 35 22.07 1.32 -14.61
CA SER C 35 23.10 2.20 -14.08
C SER C 35 24.21 2.43 -15.08
N ARG C 36 24.55 1.41 -15.87
CA ARG C 36 25.60 1.53 -16.87
C ARG C 36 25.05 1.86 -18.24
N ASP C 37 23.75 2.23 -18.32
CA ASP C 37 22.97 2.31 -19.56
C ASP C 37 23.09 0.99 -20.33
N LEU C 38 23.03 -0.11 -19.58
CA LEU C 38 23.39 -1.44 -20.06
C LEU C 38 22.18 -2.27 -20.44
N ILE C 39 21.04 -2.01 -19.81
CA ILE C 39 19.75 -2.44 -20.32
C ILE C 39 19.08 -1.19 -20.89
N MET C 40 18.02 -1.38 -21.65
CA MET C 40 17.33 -0.24 -22.23
C MET C 40 16.45 0.46 -21.20
N LYS C 41 15.91 1.61 -21.60
CA LYS C 41 15.11 2.43 -20.71
C LYS C 41 13.62 2.37 -21.05
N GLU C 42 13.21 1.39 -21.85
CA GLU C 42 11.79 1.15 -22.04
C GLU C 42 11.39 -0.31 -22.03
N ASP C 43 12.33 -1.25 -21.95
CA ASP C 43 12.00 -2.61 -21.52
C ASP C 43 11.91 -2.73 -20.01
N TYR C 44 12.37 -1.72 -19.26
CA TYR C 44 12.29 -1.77 -17.81
C TYR C 44 10.85 -1.73 -17.33
N GLU C 45 10.05 -0.85 -17.91
CA GLU C 45 8.65 -0.82 -17.54
C GLU C 45 7.82 -1.86 -18.28
N LEU C 46 8.45 -2.77 -19.02
CA LEU C 46 7.77 -3.95 -19.53
C LEU C 46 7.99 -5.17 -18.67
N VAL C 47 9.13 -5.26 -17.99
CA VAL C 47 9.39 -6.34 -17.05
C VAL C 47 8.84 -6.01 -15.66
N SER C 48 8.81 -4.73 -15.28
CA SER C 48 8.25 -4.36 -13.98
C SER C 48 6.74 -4.32 -13.99
N THR C 49 6.11 -4.15 -15.16
CA THR C 49 4.67 -4.04 -15.24
C THR C 49 3.97 -5.38 -15.20
N LYS C 50 4.71 -6.48 -15.24
CA LYS C 50 4.13 -7.81 -15.09
C LYS C 50 3.47 -7.92 -13.73
N PRO C 51 2.19 -8.26 -13.65
CA PRO C 51 1.50 -8.22 -12.35
C PRO C 51 1.98 -9.31 -11.41
N THR C 52 2.24 -10.50 -11.93
CA THR C 52 2.78 -11.56 -11.12
C THR C 52 4.31 -11.48 -11.09
N ARG C 53 4.89 -12.10 -10.06
CA ARG C 53 6.34 -12.14 -9.97
C ARG C 53 6.93 -13.22 -10.86
N THR C 54 6.16 -14.28 -11.15
CA THR C 54 6.69 -15.39 -11.95
C THR C 54 6.95 -15.00 -13.40
N SER C 55 6.37 -13.89 -13.87
CA SER C 55 6.80 -13.32 -15.14
C SER C 55 7.59 -12.04 -14.94
N LYS C 56 7.55 -11.45 -13.74
CA LYS C 56 8.41 -10.30 -13.47
C LYS C 56 9.87 -10.74 -13.37
N VAL C 57 10.13 -11.98 -13.00
CA VAL C 57 11.51 -12.46 -13.01
C VAL C 57 11.89 -13.01 -14.38
N ARG C 58 10.96 -13.65 -15.08
CA ARG C 58 11.30 -14.33 -16.32
C ARG C 58 11.38 -13.40 -17.52
N GLN C 59 10.66 -12.29 -17.49
CA GLN C 59 10.82 -11.32 -18.57
C GLN C 59 12.19 -10.63 -18.49
N LEU C 60 12.82 -10.63 -17.32
CA LEU C 60 14.26 -10.40 -17.30
C LEU C 60 15.02 -11.64 -17.77
N LEU C 61 14.58 -12.82 -17.36
CA LEU C 61 15.37 -14.02 -17.60
C LEU C 61 15.37 -14.48 -19.06
N ASP C 62 14.45 -14.01 -19.89
CA ASP C 62 14.66 -14.21 -21.33
C ASP C 62 15.33 -13.01 -21.98
N THR C 63 15.22 -11.83 -21.37
CA THR C 63 15.98 -10.68 -21.83
C THR C 63 17.47 -10.91 -21.65
N THR C 64 17.86 -11.56 -20.55
CA THR C 64 19.25 -11.93 -20.42
C THR C 64 19.62 -13.14 -21.26
N ASP C 65 18.64 -13.87 -21.80
CA ASP C 65 18.95 -14.91 -22.78
C ASP C 65 19.24 -14.32 -24.14
N ILE C 66 18.71 -13.12 -24.42
CA ILE C 66 18.86 -12.54 -25.75
C ILE C 66 19.93 -11.44 -25.74
N GLN C 67 20.07 -10.73 -24.63
CA GLN C 67 21.14 -9.75 -24.57
C GLN C 67 22.48 -10.45 -24.36
N GLY C 68 23.55 -9.70 -24.60
CA GLY C 68 24.87 -10.29 -24.77
C GLY C 68 25.47 -10.83 -23.49
N GLU C 69 26.71 -11.30 -23.62
CA GLU C 69 27.42 -11.79 -22.44
C GLU C 69 27.90 -10.63 -21.57
N GLU C 70 28.03 -9.43 -22.15
CA GLU C 70 28.29 -8.25 -21.34
C GLU C 70 27.08 -7.84 -20.50
N PHE C 71 25.90 -8.32 -20.86
CA PHE C 71 24.70 -8.13 -20.04
C PHE C 71 24.71 -9.07 -18.86
N ALA C 72 24.88 -10.36 -19.13
CA ALA C 72 24.80 -11.38 -18.09
C ALA C 72 26.04 -11.42 -17.19
N LYS C 73 27.15 -10.80 -17.59
CA LYS C 73 28.33 -10.82 -16.73
C LYS C 73 28.18 -9.87 -15.56
N VAL C 74 27.20 -8.96 -15.61
CA VAL C 74 26.94 -8.05 -14.50
C VAL C 74 25.69 -8.44 -13.73
N ILE C 75 24.83 -9.31 -14.29
CA ILE C 75 23.68 -9.81 -13.54
C ILE C 75 24.09 -10.95 -12.62
N VAL C 76 25.29 -11.49 -12.76
CA VAL C 76 25.66 -12.70 -12.03
C VAL C 76 26.26 -12.38 -10.67
N GLN C 77 27.15 -11.38 -10.54
CA GLN C 77 27.69 -11.07 -9.22
C GLN C 77 26.72 -10.25 -8.40
N LYS C 78 25.71 -9.66 -9.04
CA LYS C 78 24.56 -9.15 -8.31
C LYS C 78 23.66 -10.27 -7.82
N LEU C 79 23.90 -11.51 -8.25
CA LEU C 79 23.25 -12.68 -7.70
C LEU C 79 24.20 -13.56 -6.91
N LYS C 80 25.48 -13.19 -6.82
CA LYS C 80 26.41 -13.87 -5.92
C LYS C 80 26.73 -13.07 -4.66
N ASP C 81 26.54 -11.74 -4.70
CA ASP C 81 26.70 -10.96 -3.47
C ASP C 81 25.58 -11.25 -2.48
N ASN C 82 24.39 -11.56 -2.96
CA ASN C 82 23.33 -12.04 -2.09
C ASN C 82 23.67 -13.45 -1.65
N LYS C 83 23.58 -13.71 -0.35
CA LYS C 83 23.85 -15.04 0.19
C LYS C 83 22.67 -15.93 -0.15
N GLN C 84 22.65 -16.40 -1.40
CA GLN C 84 21.59 -17.27 -1.88
C GLN C 84 22.11 -18.65 -2.25
N MET C 85 23.07 -18.71 -3.18
CA MET C 85 23.64 -19.91 -3.77
C MET C 85 24.81 -19.51 -4.65
N GLY C 86 25.86 -20.33 -4.68
CA GLY C 86 27.05 -19.94 -5.39
C GLY C 86 27.51 -20.87 -6.49
N LEU C 87 27.36 -20.42 -7.74
CA LEU C 87 27.88 -21.08 -8.93
C LEU C 87 28.12 -20.00 -9.98
N GLN C 88 29.29 -20.00 -10.59
CA GLN C 88 29.61 -18.99 -11.59
C GLN C 88 29.24 -19.48 -12.99
N PRO D 3 -14.38 -33.98 -15.19
CA PRO D 3 -15.57 -33.94 -14.33
C PRO D 3 -15.22 -33.72 -12.87
N GLY D 4 -15.08 -34.81 -12.12
CA GLY D 4 -14.69 -34.73 -10.73
C GLY D 4 -15.86 -34.85 -9.77
N ILE D 5 -15.57 -35.42 -8.60
CA ILE D 5 -16.54 -35.58 -7.54
C ILE D 5 -16.46 -34.43 -6.54
N ALA D 6 -15.26 -33.95 -6.25
CA ALA D 6 -15.12 -32.74 -5.45
C ALA D 6 -15.54 -31.50 -6.23
N GLN D 7 -15.39 -31.54 -7.56
CA GLN D 7 -15.85 -30.46 -8.43
C GLN D 7 -17.29 -30.63 -8.86
N GLN D 8 -18.12 -31.34 -8.08
CA GLN D 8 -19.54 -31.39 -8.39
C GLN D 8 -20.24 -30.08 -8.02
N TRP D 9 -19.62 -29.29 -7.16
CA TRP D 9 -20.31 -28.17 -6.53
C TRP D 9 -19.69 -26.81 -6.81
N ILE D 10 -18.37 -26.74 -6.95
CA ILE D 10 -17.73 -25.44 -7.12
C ILE D 10 -17.99 -24.83 -8.50
N GLN D 11 -18.14 -25.65 -9.53
CA GLN D 11 -18.67 -25.14 -10.79
C GLN D 11 -20.17 -24.92 -10.71
N SER D 12 -20.84 -25.65 -9.82
CA SER D 12 -22.30 -25.53 -9.72
C SER D 12 -22.70 -24.21 -9.07
N LYS D 13 -21.91 -23.74 -8.10
CA LYS D 13 -22.19 -22.50 -7.40
C LYS D 13 -21.00 -21.55 -7.54
N ARG D 14 -20.43 -21.46 -8.74
CA ARG D 14 -19.36 -20.51 -8.96
C ARG D 14 -19.86 -19.08 -8.90
N GLU D 15 -21.06 -18.82 -9.40
CA GLU D 15 -21.66 -17.49 -9.26
C GLU D 15 -21.99 -17.19 -7.81
N ASP D 16 -22.30 -18.21 -7.01
CA ASP D 16 -22.43 -17.99 -5.57
C ASP D 16 -21.07 -17.67 -4.96
N ILE D 17 -20.06 -18.49 -5.25
CA ILE D 17 -18.79 -18.39 -4.53
C ILE D 17 -17.93 -17.22 -5.00
N VAL D 18 -18.32 -16.51 -6.06
CA VAL D 18 -17.54 -15.34 -6.42
C VAL D 18 -17.96 -14.14 -5.58
N ASN D 19 -19.24 -13.94 -5.33
CA ASN D 19 -19.70 -12.79 -4.57
C ASN D 19 -20.12 -13.16 -3.15
N GLN D 20 -19.65 -14.29 -2.63
CA GLN D 20 -19.92 -14.64 -1.25
C GLN D 20 -18.67 -15.06 -0.48
N MET D 21 -17.65 -15.59 -1.15
CA MET D 21 -16.38 -15.94 -0.53
C MET D 21 -15.54 -14.68 -0.42
N THR D 22 -15.35 -14.18 0.79
CA THR D 22 -14.61 -12.94 0.96
C THR D 22 -13.12 -13.20 0.80
N GLU D 23 -12.36 -12.10 0.70
CA GLU D 23 -10.95 -12.17 0.37
C GLU D 23 -10.11 -12.80 1.46
N ALA D 24 -10.52 -12.74 2.71
CA ALA D 24 -9.77 -13.45 3.72
C ALA D 24 -10.17 -14.91 3.80
N CYS D 25 -11.44 -15.22 3.59
CA CYS D 25 -11.84 -16.63 3.43
C CYS D 25 -11.29 -17.21 2.14
N LEU D 26 -11.05 -16.35 1.14
CA LEU D 26 -10.16 -16.71 0.04
C LEU D 26 -8.77 -17.04 0.55
N ASN D 27 -8.16 -16.09 1.25
CA ASN D 27 -6.75 -16.23 1.61
C ASN D 27 -6.50 -17.16 2.79
N GLN D 28 -7.49 -17.43 3.65
CA GLN D 28 -7.25 -18.43 4.68
C GLN D 28 -7.21 -19.84 4.10
N SER D 29 -7.80 -20.02 2.92
CA SER D 29 -7.79 -21.30 2.24
C SER D 29 -6.71 -21.39 1.18
N LEU D 30 -6.44 -20.28 0.50
CA LEU D 30 -5.50 -20.33 -0.61
C LEU D 30 -4.06 -20.43 -0.09
N ASP D 31 -3.78 -19.80 1.05
CA ASP D 31 -2.51 -20.03 1.73
C ASP D 31 -2.46 -21.43 2.32
N ALA D 32 -3.62 -21.98 2.70
CA ALA D 32 -3.66 -23.35 3.18
C ALA D 32 -3.44 -24.35 2.06
N LEU D 33 -3.62 -23.94 0.81
CA LEU D 33 -3.33 -24.83 -0.31
C LEU D 33 -1.82 -25.05 -0.47
N LEU D 34 -1.00 -24.12 0.01
CA LEU D 34 0.44 -24.33 0.00
C LEU D 34 0.92 -25.11 1.21
N SER D 35 0.01 -25.58 2.07
CA SER D 35 0.44 -26.29 3.26
C SER D 35 0.78 -27.74 2.95
N ARG D 36 0.04 -28.38 2.04
CA ARG D 36 0.29 -29.76 1.66
C ARG D 36 1.17 -29.86 0.42
N ASP D 37 1.78 -28.75 -0.01
CA ASP D 37 2.42 -28.59 -1.32
C ASP D 37 1.44 -28.99 -2.42
N LEU D 38 0.19 -28.58 -2.25
CA LEU D 38 -0.93 -29.09 -3.02
C LEU D 38 -1.34 -28.14 -4.13
N ILE D 39 -1.09 -26.85 -3.96
CA ILE D 39 -1.07 -25.91 -5.06
C ILE D 39 0.39 -25.59 -5.31
N MET D 40 0.68 -24.95 -6.44
CA MET D 40 2.06 -24.62 -6.76
C MET D 40 2.52 -23.40 -5.97
N LYS D 41 3.82 -23.12 -6.07
CA LYS D 41 4.44 -22.03 -5.33
C LYS D 41 4.79 -20.85 -6.22
N GLU D 42 4.23 -20.80 -7.44
CA GLU D 42 4.34 -19.61 -8.24
C GLU D 42 3.07 -19.20 -8.97
N ASP D 43 2.00 -19.99 -8.90
CA ASP D 43 0.67 -19.46 -9.18
C ASP D 43 0.05 -18.72 -8.01
N TYR D 44 0.65 -18.82 -6.82
CA TYR D 44 0.12 -18.12 -5.65
C TYR D 44 0.28 -16.62 -5.81
N GLU D 45 1.44 -16.17 -6.27
CA GLU D 45 1.61 -14.75 -6.50
C GLU D 45 1.07 -14.31 -7.86
N LEU D 46 0.35 -15.18 -8.57
CA LEU D 46 -0.44 -14.76 -9.73
C LEU D 46 -1.90 -14.54 -9.39
N VAL D 47 -2.42 -15.27 -8.40
CA VAL D 47 -3.78 -15.06 -7.94
C VAL D 47 -3.84 -13.97 -6.87
N SER D 48 -2.79 -13.81 -6.07
CA SER D 48 -2.78 -12.74 -5.06
C SER D 48 -2.44 -11.38 -5.66
N THR D 49 -1.78 -11.35 -6.82
CA THR D 49 -1.37 -10.08 -7.40
C THR D 49 -2.49 -9.40 -8.19
N LYS D 50 -3.63 -10.06 -8.33
CA LYS D 50 -4.78 -9.43 -8.96
C LYS D 50 -5.22 -8.25 -8.12
N PRO D 51 -5.32 -7.05 -8.70
CA PRO D 51 -5.60 -5.87 -7.87
C PRO D 51 -7.00 -5.85 -7.33
N THR D 52 -7.97 -6.28 -8.11
CA THR D 52 -9.34 -6.39 -7.64
C THR D 52 -9.56 -7.74 -6.97
N ARG D 53 -10.60 -7.81 -6.14
CA ARG D 53 -10.93 -9.06 -5.50
C ARG D 53 -11.75 -9.96 -6.43
N THR D 54 -12.47 -9.37 -7.39
CA THR D 54 -13.32 -10.16 -8.27
C THR D 54 -12.53 -11.03 -9.22
N SER D 55 -11.24 -10.76 -9.42
CA SER D 55 -10.36 -11.71 -10.08
C SER D 55 -9.40 -12.37 -9.11
N LYS D 56 -9.25 -11.82 -7.90
CA LYS D 56 -8.46 -12.51 -6.89
C LYS D 56 -9.17 -13.77 -6.39
N VAL D 57 -10.50 -13.80 -6.47
CA VAL D 57 -11.20 -15.03 -6.11
C VAL D 57 -11.31 -15.96 -7.32
N ARG D 58 -11.49 -15.41 -8.52
CA ARG D 58 -11.76 -16.25 -9.68
C ARG D 58 -10.52 -16.87 -10.28
N GLN D 59 -9.36 -16.24 -10.12
CA GLN D 59 -8.13 -16.87 -10.57
C GLN D 59 -7.79 -18.09 -9.72
N LEU D 60 -8.31 -18.15 -8.48
CA LEU D 60 -8.38 -19.44 -7.80
C LEU D 60 -9.50 -20.29 -8.37
N LEU D 61 -10.65 -19.68 -8.66
CA LEU D 61 -11.82 -20.47 -9.02
C LEU D 61 -11.75 -21.09 -10.41
N ASP D 62 -10.85 -20.65 -11.28
CA ASP D 62 -10.60 -21.46 -12.47
C ASP D 62 -9.41 -22.38 -12.29
N THR D 63 -8.50 -22.05 -11.37
CA THR D 63 -7.43 -22.97 -11.01
C THR D 63 -8.00 -24.22 -10.36
N THR D 64 -9.04 -24.07 -9.55
CA THR D 64 -9.70 -25.25 -9.02
C THR D 64 -10.60 -25.91 -10.06
N ASP D 65 -10.90 -25.24 -11.17
CA ASP D 65 -11.58 -25.93 -12.26
C ASP D 65 -10.62 -26.80 -13.06
N ILE D 66 -9.33 -26.48 -13.03
CA ILE D 66 -8.38 -27.21 -13.85
C ILE D 66 -7.58 -28.19 -13.00
N GLN D 67 -7.31 -27.86 -11.74
CA GLN D 67 -6.65 -28.81 -10.89
C GLN D 67 -7.62 -29.91 -10.46
N GLY D 68 -7.06 -31.00 -9.95
CA GLY D 68 -7.79 -32.25 -9.79
C GLY D 68 -8.84 -32.21 -8.70
N GLU D 69 -9.47 -33.37 -8.50
CA GLU D 69 -10.45 -33.48 -7.43
C GLU D 69 -9.77 -33.55 -6.06
N GLU D 70 -8.49 -33.95 -6.03
CA GLU D 70 -7.72 -33.87 -4.79
C GLU D 70 -7.39 -32.44 -4.41
N PHE D 71 -7.49 -31.51 -5.37
CA PHE D 71 -7.36 -30.08 -5.08
C PHE D 71 -8.63 -29.54 -4.45
N ALA D 72 -9.77 -29.78 -5.11
CA ALA D 72 -11.04 -29.23 -4.67
C ALA D 72 -11.61 -29.94 -3.46
N LYS D 73 -11.13 -31.13 -3.11
CA LYS D 73 -11.65 -31.82 -1.93
C LYS D 73 -11.15 -31.20 -0.64
N VAL D 74 -10.11 -30.36 -0.73
CA VAL D 74 -9.59 -29.66 0.44
C VAL D 74 -9.96 -28.18 0.44
N ILE D 75 -10.42 -27.64 -0.69
CA ILE D 75 -10.91 -26.27 -0.71
C ILE D 75 -12.36 -26.19 -0.23
N VAL D 76 -13.04 -27.33 -0.09
CA VAL D 76 -14.46 -27.31 0.20
C VAL D 76 -14.75 -27.26 1.70
N GLN D 77 -14.04 -28.04 2.54
CA GLN D 77 -14.30 -27.95 3.97
C GLN D 77 -13.64 -26.74 4.59
N LYS D 78 -12.68 -26.13 3.89
CA LYS D 78 -12.24 -24.78 4.23
C LYS D 78 -13.27 -23.73 3.86
N LEU D 79 -14.30 -24.11 3.11
CA LEU D 79 -15.45 -23.25 2.86
C LEU D 79 -16.71 -23.74 3.56
N LYS D 80 -16.64 -24.85 4.28
CA LYS D 80 -17.75 -25.28 5.13
C LYS D 80 -17.49 -25.03 6.60
N ASP D 81 -16.23 -24.91 7.02
CA ASP D 81 -15.95 -24.53 8.41
C ASP D 81 -16.35 -23.09 8.68
N ASN D 82 -16.23 -22.22 7.69
CA ASN D 82 -16.77 -20.87 7.81
C ASN D 82 -18.29 -20.95 7.76
N LYS D 83 -18.95 -20.29 8.71
CA LYS D 83 -20.40 -20.26 8.75
C LYS D 83 -20.88 -19.32 7.65
N GLN D 84 -20.89 -19.85 6.42
CA GLN D 84 -21.33 -19.08 5.26
C GLN D 84 -22.57 -19.68 4.63
N MET D 85 -22.49 -20.94 4.20
CA MET D 85 -23.52 -21.67 3.48
C MET D 85 -23.07 -23.13 3.37
N GLY D 86 -24.02 -24.05 3.44
CA GLY D 86 -23.65 -25.45 3.46
C GLY D 86 -24.22 -26.33 2.37
N LEU D 87 -23.35 -26.75 1.45
CA LEU D 87 -23.66 -27.72 0.41
C LEU D 87 -22.36 -28.42 0.05
N GLN D 88 -22.38 -29.75 0.00
CA GLN D 88 -21.17 -30.49 -0.32
C GLN D 88 -21.08 -30.76 -1.82
N PRO E 3 -25.31 7.85 -26.50
CA PRO E 3 -25.34 9.29 -26.24
C PRO E 3 -25.70 9.61 -24.80
N GLY E 4 -26.98 9.84 -24.54
CA GLY E 4 -27.45 10.09 -23.20
C GLY E 4 -27.65 11.57 -22.91
N ILE E 5 -28.64 11.83 -22.04
CA ILE E 5 -28.95 13.18 -21.60
C ILE E 5 -28.25 13.52 -20.29
N ALA E 6 -28.14 12.56 -19.39
CA ALA E 6 -27.31 12.75 -18.21
C ALA E 6 -25.84 12.74 -18.55
N GLN E 7 -25.45 12.03 -19.60
CA GLN E 7 -24.07 12.04 -20.08
C GLN E 7 -23.80 13.16 -21.08
N GLN E 8 -24.56 14.25 -21.03
CA GLN E 8 -24.23 15.39 -21.87
C GLN E 8 -23.02 16.14 -21.33
N TRP E 9 -22.69 15.95 -20.07
CA TRP E 9 -21.75 16.81 -19.38
C TRP E 9 -20.52 16.10 -18.84
N ILE E 10 -20.65 14.85 -18.42
CA ILE E 10 -19.52 14.16 -17.79
C ILE E 10 -18.45 13.78 -18.81
N GLN E 11 -18.83 13.48 -20.04
CA GLN E 11 -17.83 13.39 -21.10
C GLN E 11 -17.36 14.76 -21.54
N SER E 12 -18.21 15.79 -21.36
CA SER E 12 -17.85 17.13 -21.80
C SER E 12 -16.79 17.73 -20.91
N LYS E 13 -16.83 17.44 -19.61
CA LYS E 13 -15.87 17.97 -18.64
C LYS E 13 -15.17 16.83 -17.92
N ARG E 14 -14.80 15.78 -18.66
CA ARG E 14 -14.04 14.68 -18.05
C ARG E 14 -12.65 15.13 -17.64
N GLU E 15 -12.02 15.99 -18.44
CA GLU E 15 -10.73 16.54 -18.05
C GLU E 15 -10.87 17.47 -16.85
N ASP E 16 -12.01 18.13 -16.70
CA ASP E 16 -12.28 18.86 -15.48
C ASP E 16 -12.45 17.91 -14.30
N ILE E 17 -13.31 16.90 -14.45
CA ILE E 17 -13.70 16.06 -13.32
C ILE E 17 -12.63 15.06 -12.91
N VAL E 18 -11.56 14.92 -13.69
CA VAL E 18 -10.49 14.03 -13.22
C VAL E 18 -9.59 14.74 -12.21
N ASN E 19 -9.25 16.00 -12.44
CA ASN E 19 -8.35 16.72 -11.54
C ASN E 19 -9.09 17.72 -10.67
N GLN E 20 -10.40 17.56 -10.50
CA GLN E 20 -11.14 18.41 -9.58
C GLN E 20 -12.03 17.64 -8.61
N MET E 21 -12.48 16.45 -8.97
CA MET E 21 -13.26 15.60 -8.09
C MET E 21 -12.29 14.85 -7.18
N THR E 22 -12.28 15.20 -5.89
CA THR E 22 -11.35 14.57 -4.98
C THR E 22 -11.81 13.16 -4.62
N GLU E 23 -10.91 12.41 -3.99
CA GLU E 23 -11.13 11.00 -3.73
C GLU E 23 -12.25 10.74 -2.74
N ALA E 24 -12.52 11.66 -1.83
CA ALA E 24 -13.67 11.44 -0.97
C ALA E 24 -14.97 11.88 -1.62
N CYS E 25 -14.95 12.94 -2.43
CA CYS E 25 -16.10 13.26 -3.26
C CYS E 25 -16.30 12.22 -4.35
N LEU E 26 -15.23 11.53 -4.75
CA LEU E 26 -15.36 10.28 -5.45
C LEU E 26 -16.10 9.25 -4.60
N ASN E 27 -15.58 8.99 -3.41
CA ASN E 27 -16.10 7.89 -2.62
C ASN E 27 -17.40 8.20 -1.89
N GLN E 28 -17.75 9.48 -1.67
CA GLN E 28 -19.07 9.74 -1.11
C GLN E 28 -20.17 9.48 -2.12
N SER E 29 -19.84 9.50 -3.41
CA SER E 29 -20.79 9.23 -4.46
C SER E 29 -20.71 7.81 -4.96
N LEU E 30 -19.51 7.23 -4.99
CA LEU E 30 -19.37 5.89 -5.55
C LEU E 30 -19.91 4.84 -4.60
N ASP E 31 -19.77 5.07 -3.29
CA ASP E 31 -20.46 4.23 -2.32
C ASP E 31 -21.96 4.48 -2.34
N ALA E 32 -22.37 5.70 -2.69
CA ALA E 32 -23.79 5.99 -2.85
C ALA E 32 -24.37 5.32 -4.08
N LEU E 33 -23.53 4.92 -5.03
CA LEU E 33 -24.04 4.20 -6.19
C LEU E 33 -24.47 2.78 -5.83
N LEU E 34 -23.94 2.22 -4.73
CA LEU E 34 -24.40 0.93 -4.25
C LEU E 34 -25.62 1.05 -3.36
N SER E 35 -26.16 2.25 -3.18
CA SER E 35 -27.31 2.41 -2.30
C SER E 35 -28.61 2.01 -2.99
N ARG E 36 -28.74 2.29 -4.28
CA ARG E 36 -29.93 1.93 -5.03
C ARG E 36 -29.78 0.60 -5.76
N ASP E 37 -28.73 -0.16 -5.44
CA ASP E 37 -28.26 -1.31 -6.23
C ASP E 37 -28.07 -0.90 -7.68
N LEU E 38 -27.51 0.28 -7.88
CA LEU E 38 -27.51 0.98 -9.16
C LEU E 38 -26.17 0.82 -9.88
N ILE E 39 -25.09 0.64 -9.13
CA ILE E 39 -23.86 0.11 -9.69
C ILE E 39 -23.75 -1.33 -9.20
N MET E 40 -22.85 -2.09 -9.77
CA MET E 40 -22.70 -3.48 -9.36
C MET E 40 -21.93 -3.58 -8.05
N LYS E 41 -21.89 -4.80 -7.51
CA LYS E 41 -21.25 -5.07 -6.23
C LYS E 41 -19.93 -5.79 -6.37
N GLU E 42 -19.37 -5.83 -7.58
CA GLU E 42 -18.01 -6.32 -7.75
C GLU E 42 -17.15 -5.49 -8.69
N ASP E 43 -17.69 -4.48 -9.37
CA ASP E 43 -16.86 -3.43 -9.93
C ASP E 43 -16.45 -2.38 -8.90
N TYR E 44 -17.06 -2.39 -7.72
CA TYR E 44 -16.71 -1.42 -6.68
C TYR E 44 -15.30 -1.67 -6.17
N GLU E 45 -14.96 -2.93 -5.92
CA GLU E 45 -13.60 -3.22 -5.49
C GLU E 45 -12.64 -3.35 -6.66
N LEU E 46 -13.05 -2.98 -7.88
CA LEU E 46 -12.13 -2.80 -8.99
C LEU E 46 -11.76 -1.35 -9.20
N VAL E 47 -12.66 -0.43 -8.88
CA VAL E 47 -12.36 0.99 -8.94
C VAL E 47 -11.71 1.49 -7.65
N SER E 48 -12.04 0.89 -6.50
CA SER E 48 -11.40 1.29 -5.25
C SER E 48 -10.00 0.70 -5.09
N THR E 49 -9.71 -0.41 -5.77
CA THR E 49 -8.42 -1.07 -5.61
C THR E 49 -7.32 -0.43 -6.44
N LYS E 50 -7.65 0.56 -7.27
CA LYS E 50 -6.65 1.30 -8.00
C LYS E 50 -5.75 2.04 -7.02
N PRO E 51 -4.43 1.83 -7.07
CA PRO E 51 -3.57 2.41 -6.03
C PRO E 51 -3.47 3.92 -6.13
N THR E 52 -3.42 4.45 -7.33
CA THR E 52 -3.42 5.88 -7.52
C THR E 52 -4.83 6.41 -7.58
N ARG E 53 -4.98 7.71 -7.32
CA ARG E 53 -6.30 8.33 -7.41
C ARG E 53 -6.64 8.68 -8.85
N THR E 54 -5.64 8.89 -9.71
CA THR E 54 -5.90 9.29 -11.09
C THR E 54 -6.54 8.18 -11.91
N SER E 55 -6.46 6.93 -11.45
CA SER E 55 -7.29 5.88 -12.02
C SER E 55 -8.41 5.46 -11.08
N LYS E 56 -8.35 5.85 -9.81
CA LYS E 56 -9.47 5.60 -8.92
C LYS E 56 -10.66 6.48 -9.29
N VAL E 57 -10.41 7.64 -9.88
CA VAL E 57 -11.53 8.46 -10.33
C VAL E 57 -11.96 8.07 -11.75
N ARG E 58 -11.01 7.67 -12.60
CA ARG E 58 -11.34 7.44 -14.00
C ARG E 58 -11.94 6.07 -14.25
N GLN E 59 -11.64 5.08 -13.42
CA GLN E 59 -12.31 3.80 -13.55
C GLN E 59 -13.79 3.91 -13.18
N LEU E 60 -14.16 4.91 -12.38
CA LEU E 60 -15.56 5.31 -12.33
C LEU E 60 -15.94 6.09 -13.59
N LEU E 61 -15.07 6.98 -14.04
CA LEU E 61 -15.44 7.90 -15.12
C LEU E 61 -15.56 7.23 -16.49
N ASP E 62 -15.03 6.03 -16.70
CA ASP E 62 -15.42 5.30 -17.89
C ASP E 62 -16.56 4.33 -17.63
N THR E 63 -16.74 3.93 -16.37
CA THR E 63 -17.91 3.14 -16.00
C THR E 63 -19.18 3.96 -16.17
N THR E 64 -19.12 5.25 -15.85
CA THR E 64 -20.25 6.11 -16.13
C THR E 64 -20.34 6.49 -17.60
N ASP E 65 -19.30 6.25 -18.39
CA ASP E 65 -19.43 6.40 -19.84
C ASP E 65 -20.14 5.21 -20.46
N ILE E 66 -20.11 4.05 -19.80
CA ILE E 66 -20.69 2.85 -20.39
C ILE E 66 -22.03 2.54 -19.75
N GLN E 67 -22.19 2.85 -18.47
CA GLN E 67 -23.49 2.64 -17.86
C GLN E 67 -24.47 3.73 -18.32
N GLY E 68 -25.75 3.48 -18.09
CA GLY E 68 -26.81 4.24 -18.73
C GLY E 68 -26.94 5.67 -18.22
N GLU E 69 -27.96 6.35 -18.75
CA GLU E 69 -28.24 7.70 -18.29
C GLU E 69 -28.89 7.68 -16.92
N GLU E 70 -29.52 6.57 -16.53
CA GLU E 70 -30.00 6.43 -15.17
C GLU E 70 -28.87 6.25 -14.16
N PHE E 71 -27.68 5.90 -14.64
CA PHE E 71 -26.48 5.86 -13.81
C PHE E 71 -25.95 7.27 -13.58
N ALA E 72 -25.74 8.00 -14.66
CA ALA E 72 -25.13 9.32 -14.58
C ALA E 72 -26.08 10.40 -14.07
N LYS E 73 -27.39 10.13 -14.06
CA LYS E 73 -28.32 11.15 -13.55
C LYS E 73 -28.28 11.24 -12.03
N VAL E 74 -27.69 10.25 -11.37
CA VAL E 74 -27.54 10.27 -9.91
C VAL E 74 -26.10 10.57 -9.49
N ILE E 75 -25.13 10.47 -10.41
CA ILE E 75 -23.77 10.87 -10.09
C ILE E 75 -23.58 12.38 -10.22
N VAL E 76 -24.55 13.08 -10.81
CA VAL E 76 -24.35 14.48 -11.14
C VAL E 76 -24.76 15.40 -9.98
N GLN E 77 -25.89 15.16 -9.29
CA GLN E 77 -26.24 16.01 -8.17
C GLN E 77 -25.47 15.66 -6.93
N LYS E 78 -24.85 14.47 -6.90
CA LYS E 78 -23.82 14.19 -5.91
C LYS E 78 -22.52 14.93 -6.22
N LEU E 79 -22.42 15.54 -7.40
CA LEU E 79 -21.32 16.43 -7.73
C LEU E 79 -21.76 17.88 -7.84
N LYS E 80 -23.05 18.17 -7.64
CA LYS E 80 -23.50 19.55 -7.53
C LYS E 80 -23.84 19.96 -6.11
N ASP E 81 -24.10 19.01 -5.21
CA ASP E 81 -24.28 19.35 -3.81
C ASP E 81 -22.97 19.79 -3.18
N ASN E 82 -21.85 19.22 -3.62
CA ASN E 82 -20.55 19.72 -3.20
C ASN E 82 -20.32 21.07 -3.87
N LYS E 83 -19.90 22.06 -3.09
CA LYS E 83 -19.60 23.39 -3.63
C LYS E 83 -18.28 23.32 -4.37
N GLN E 84 -18.33 22.79 -5.59
CA GLN E 84 -17.15 22.65 -6.43
C GLN E 84 -17.26 23.51 -7.69
N MET E 85 -18.29 23.29 -8.50
CA MET E 85 -18.53 23.91 -9.80
C MET E 85 -19.91 23.50 -10.27
N GLY E 86 -20.61 24.41 -10.95
CA GLY E 86 -21.98 24.12 -11.32
C GLY E 86 -22.30 24.17 -12.80
N LEU E 87 -22.55 23.01 -13.38
CA LEU E 87 -23.03 22.85 -14.75
C LEU E 87 -23.80 21.55 -14.81
N GLN E 88 -25.01 21.57 -15.37
CA GLN E 88 -25.82 20.37 -15.44
C GLN E 88 -25.59 19.65 -16.76
N PRO F 3 19.15 11.60 -24.02
CA PRO F 3 20.40 11.70 -23.25
C PRO F 3 20.27 12.64 -22.06
N GLY F 4 20.64 13.90 -22.27
CA GLY F 4 20.51 14.91 -21.25
C GLY F 4 21.81 15.18 -20.51
N ILE F 5 21.95 16.42 -20.06
CA ILE F 5 23.11 16.87 -19.31
C ILE F 5 22.84 16.81 -17.81
N ALA F 6 21.62 17.12 -17.38
CA ALA F 6 21.25 16.91 -16.00
C ALA F 6 21.07 15.42 -15.70
N GLN F 7 20.70 14.63 -16.70
CA GLN F 7 20.60 13.19 -16.56
C GLN F 7 21.92 12.47 -16.84
N GLN F 8 23.05 13.14 -16.68
CA GLN F 8 24.33 12.45 -16.81
C GLN F 8 24.61 11.59 -15.59
N TRP F 9 23.93 11.85 -14.48
CA TRP F 9 24.33 11.28 -13.21
C TRP F 9 23.24 10.43 -12.54
N ILE F 10 21.97 10.77 -12.73
CA ILE F 10 20.91 10.04 -12.03
C ILE F 10 20.70 8.65 -12.60
N GLN F 11 20.91 8.45 -13.90
CA GLN F 11 21.00 7.09 -14.41
C GLN F 11 22.32 6.45 -14.06
N SER F 12 23.35 7.26 -13.85
CA SER F 12 24.67 6.70 -13.55
C SER F 12 24.74 6.13 -12.16
N LYS F 13 24.03 6.74 -11.21
CA LYS F 13 23.99 6.29 -9.83
C LYS F 13 22.57 6.00 -9.38
N ARG F 14 21.79 5.37 -10.26
CA ARG F 14 20.43 5.00 -9.88
C ARG F 14 20.43 3.91 -8.81
N GLU F 15 21.37 2.97 -8.89
CA GLU F 15 21.50 1.97 -7.85
C GLU F 15 21.98 2.59 -6.55
N ASP F 16 22.75 3.67 -6.62
CA ASP F 16 23.07 4.44 -5.42
C ASP F 16 21.82 5.12 -4.88
N ILE F 17 21.11 5.85 -5.73
CA ILE F 17 20.04 6.73 -5.28
C ILE F 17 18.77 5.97 -4.89
N VAL F 18 18.69 4.67 -5.17
CA VAL F 18 17.51 3.95 -4.70
C VAL F 18 17.65 3.56 -3.23
N ASN F 19 18.83 3.12 -2.80
CA ASN F 19 19.01 2.68 -1.42
C ASN F 19 19.78 3.70 -0.59
N GLN F 20 19.82 4.95 -1.03
CA GLN F 20 20.44 6.00 -0.23
C GLN F 20 19.57 7.24 -0.08
N MET F 21 18.69 7.53 -1.02
CA MET F 21 17.75 8.64 -0.92
C MET F 21 16.57 8.18 -0.07
N THR F 22 16.45 8.72 1.14
CA THR F 22 15.39 8.31 2.03
C THR F 22 14.07 8.92 1.60
N GLU F 23 12.98 8.40 2.19
CA GLU F 23 11.64 8.75 1.77
C GLU F 23 11.28 10.20 2.05
N ALA F 24 11.88 10.82 3.06
CA ALA F 24 11.60 12.24 3.24
C ALA F 24 12.47 13.10 2.35
N CYS F 25 13.72 12.69 2.09
CA CYS F 25 14.51 13.36 1.08
C CYS F 25 13.96 13.10 -0.31
N LEU F 26 13.26 11.98 -0.49
CA LEU F 26 12.36 11.81 -1.61
C LEU F 26 11.28 12.88 -1.59
N ASN F 27 10.53 12.95 -0.50
CA ASN F 27 9.35 13.80 -0.47
C ASN F 27 9.64 15.27 -0.26
N GLN F 28 10.81 15.65 0.28
CA GLN F 28 11.11 17.07 0.33
C GLN F 28 11.44 17.62 -1.05
N SER F 29 11.82 16.76 -1.98
CA SER F 29 12.11 17.16 -3.34
C SER F 29 10.94 16.90 -4.27
N LEU F 30 10.19 15.83 -4.06
CA LEU F 30 9.13 15.49 -4.98
C LEU F 30 7.94 16.43 -4.81
N ASP F 31 7.68 16.87 -3.57
CA ASP F 31 6.71 17.93 -3.36
C ASP F 31 7.24 19.27 -3.88
N ALA F 32 8.56 19.44 -3.86
CA ALA F 32 9.15 20.65 -4.44
C ALA F 32 9.06 20.65 -5.95
N LEU F 33 8.86 19.48 -6.58
CA LEU F 33 8.67 19.45 -8.02
C LEU F 33 7.33 20.03 -8.43
N LEU F 34 6.35 20.04 -7.53
CA LEU F 34 5.09 20.71 -7.81
C LEU F 34 5.13 22.20 -7.51
N SER F 35 6.28 22.73 -7.10
CA SER F 35 6.34 24.14 -6.77
C SER F 35 6.46 25.03 -8.00
N ARG F 36 7.18 24.56 -9.02
CA ARG F 36 7.34 25.31 -10.26
C ARG F 36 6.33 24.90 -11.32
N ASP F 37 5.32 24.10 -10.93
CA ASP F 37 4.43 23.37 -11.85
C ASP F 37 5.26 22.55 -12.84
N LEU F 38 6.31 21.94 -12.31
CA LEU F 38 7.37 21.34 -13.11
C LEU F 38 7.22 19.84 -13.23
N ILE F 39 6.61 19.20 -12.27
CA ILE F 39 6.06 17.87 -12.44
C ILE F 39 4.55 18.03 -12.55
N MET F 40 3.86 16.98 -12.97
CA MET F 40 2.42 17.06 -13.10
C MET F 40 1.73 16.94 -11.75
N LYS F 41 0.42 17.18 -11.76
CA LYS F 41 -0.37 17.18 -10.54
C LYS F 41 -1.25 15.94 -10.41
N GLU F 42 -0.98 14.91 -11.21
CA GLU F 42 -1.64 13.63 -11.01
C GLU F 42 -0.72 12.42 -11.15
N ASP F 43 0.54 12.59 -11.52
CA ASP F 43 1.54 11.56 -11.25
C ASP F 43 2.07 11.61 -9.83
N TYR F 44 1.79 12.70 -9.08
CA TYR F 44 2.26 12.79 -7.71
C TYR F 44 1.58 11.78 -6.82
N GLU F 45 0.28 11.60 -6.97
CA GLU F 45 -0.40 10.58 -6.19
C GLU F 45 -0.30 9.20 -6.83
N LEU F 46 0.51 9.03 -7.86
CA LEU F 46 0.88 7.71 -8.36
C LEU F 46 2.23 7.25 -7.82
N VAL F 47 3.14 8.19 -7.55
CA VAL F 47 4.41 7.84 -6.93
C VAL F 47 4.32 7.81 -5.41
N SER F 48 3.43 8.62 -4.81
CA SER F 48 3.26 8.58 -3.37
C SER F 48 2.38 7.42 -2.92
N THR F 49 1.54 6.89 -3.79
CA THR F 49 0.63 5.82 -3.40
C THR F 49 1.29 4.45 -3.41
N LYS F 50 2.54 4.36 -3.85
CA LYS F 50 3.28 3.11 -3.78
C LYS F 50 3.45 2.72 -2.32
N PRO F 51 3.03 1.51 -1.93
CA PRO F 51 3.05 1.18 -0.49
C PRO F 51 4.45 1.00 0.05
N THR F 52 5.33 0.42 -0.73
CA THR F 52 6.73 0.29 -0.32
C THR F 52 7.50 1.54 -0.73
N ARG F 53 8.64 1.74 -0.06
CA ARG F 53 9.49 2.87 -0.42
C ARG F 53 10.37 2.53 -1.62
N THR F 54 10.66 1.25 -1.85
CA THR F 54 11.54 0.88 -2.96
C THR F 54 10.91 1.12 -4.32
N SER F 55 9.61 1.29 -4.39
CA SER F 55 8.98 1.80 -5.60
C SER F 55 8.49 3.23 -5.43
N LYS F 56 8.40 3.72 -4.20
CA LYS F 56 8.09 5.14 -3.99
C LYS F 56 9.25 6.02 -4.42
N VAL F 57 10.48 5.50 -4.37
CA VAL F 57 11.60 6.29 -4.87
C VAL F 57 11.79 6.06 -6.37
N ARG F 58 11.55 4.84 -6.86
CA ARG F 58 11.86 4.54 -8.25
C ARG F 58 10.80 5.00 -9.22
N GLN F 59 9.55 5.12 -8.79
CA GLN F 59 8.55 5.70 -9.67
C GLN F 59 8.79 7.19 -9.90
N LEU F 60 9.52 7.84 -8.99
CA LEU F 60 10.15 9.11 -9.36
C LEU F 60 11.37 8.88 -10.24
N LEU F 61 12.17 7.87 -9.94
CA LEU F 61 13.44 7.72 -10.63
C LEU F 61 13.32 7.24 -12.06
N ASP F 62 12.19 6.71 -12.49
CA ASP F 62 11.99 6.55 -13.92
C ASP F 62 11.24 7.71 -14.53
N THR F 63 10.46 8.44 -13.72
CA THR F 63 9.84 9.68 -14.17
C THR F 63 10.91 10.72 -14.49
N THR F 64 11.97 10.77 -13.70
CA THR F 64 13.07 11.64 -14.05
C THR F 64 13.93 11.07 -15.17
N ASP F 65 13.78 9.79 -15.51
CA ASP F 65 14.42 9.27 -16.70
C ASP F 65 13.68 9.67 -17.97
N ILE F 66 12.39 9.95 -17.86
CA ILE F 66 11.60 10.25 -19.05
C ILE F 66 11.35 11.75 -19.16
N GLN F 67 11.23 12.45 -18.04
CA GLN F 67 11.09 13.89 -18.12
C GLN F 67 12.43 14.53 -18.47
N GLY F 68 12.37 15.79 -18.88
CA GLY F 68 13.48 16.44 -19.53
C GLY F 68 14.65 16.75 -18.61
N GLU F 69 15.65 17.41 -19.20
CA GLU F 69 16.79 17.82 -18.39
C GLU F 69 16.45 19.02 -17.52
N GLU F 70 15.41 19.77 -17.87
CA GLU F 70 14.91 20.83 -16.98
C GLU F 70 14.20 20.24 -15.77
N PHE F 71 13.80 18.97 -15.83
CA PHE F 71 13.25 18.27 -14.68
C PHE F 71 14.37 17.85 -13.73
N ALA F 72 15.37 17.16 -14.26
CA ALA F 72 16.44 16.62 -13.45
C ALA F 72 17.44 17.68 -12.98
N LYS F 73 17.45 18.87 -13.59
CA LYS F 73 18.40 19.89 -13.13
C LYS F 73 17.95 20.52 -11.82
N VAL F 74 16.70 20.30 -11.42
CA VAL F 74 16.22 20.81 -10.14
C VAL F 74 16.07 19.70 -9.11
N ILE F 75 16.09 18.41 -9.53
CA ILE F 75 16.09 17.32 -8.56
C ILE F 75 17.49 17.05 -8.03
N VAL F 76 18.52 17.65 -8.62
CA VAL F 76 19.88 17.29 -8.27
C VAL F 76 20.42 18.14 -7.10
N GLN F 77 20.18 19.46 -7.09
CA GLN F 77 20.67 20.26 -5.96
C GLN F 77 19.76 20.11 -4.75
N LYS F 78 18.54 19.59 -4.94
CA LYS F 78 17.75 19.11 -3.82
C LYS F 78 18.28 17.78 -3.29
N LEU F 79 19.22 17.16 -3.98
CA LEU F 79 19.95 16.01 -3.48
C LEU F 79 21.41 16.32 -3.18
N LYS F 80 21.86 17.56 -3.41
CA LYS F 80 23.18 17.98 -2.97
C LYS F 80 23.13 18.88 -1.75
N ASP F 81 22.00 19.54 -1.48
CA ASP F 81 21.88 20.31 -0.25
C ASP F 81 21.82 19.40 0.96
N ASN F 82 21.23 18.21 0.82
CA ASN F 82 21.30 17.22 1.87
C ASN F 82 22.72 16.68 1.93
N LYS F 83 23.29 16.61 3.13
CA LYS F 83 24.64 16.08 3.31
C LYS F 83 24.56 14.57 3.19
N GLN F 84 24.52 14.10 1.95
CA GLN F 84 24.44 12.67 1.66
C GLN F 84 25.68 12.20 0.90
N MET F 85 25.94 12.77 -0.26
CA MET F 85 26.99 12.40 -1.20
C MET F 85 27.04 13.45 -2.30
N GLY F 86 28.25 13.75 -2.79
CA GLY F 86 28.37 14.83 -3.75
C GLY F 86 28.99 14.47 -5.08
N LEU F 87 28.15 14.47 -6.12
CA LEU F 87 28.56 14.31 -7.51
C LEU F 87 27.52 15.01 -8.37
N GLN F 88 27.98 15.84 -9.30
CA GLN F 88 27.05 16.56 -10.16
C GLN F 88 26.78 15.79 -11.44
N PRO G 3 -28.66 -11.75 -2.82
CA PRO G 3 -29.70 -10.85 -2.33
C PRO G 3 -29.68 -10.74 -0.81
N GLY G 4 -30.48 -11.57 -0.14
CA GLY G 4 -30.49 -11.61 1.31
C GLY G 4 -31.66 -10.82 1.91
N ILE G 5 -32.12 -11.30 3.05
CA ILE G 5 -33.18 -10.66 3.81
C ILE G 5 -32.64 -9.73 4.87
N ALA G 6 -31.53 -10.12 5.52
CA ALA G 6 -30.86 -9.20 6.42
C ALA G 6 -30.14 -8.09 5.65
N GLN G 7 -29.72 -8.37 4.43
CA GLN G 7 -29.13 -7.37 3.55
C GLN G 7 -30.16 -6.60 2.74
N GLN G 8 -31.40 -6.51 3.20
CA GLN G 8 -32.37 -5.67 2.52
C GLN G 8 -32.11 -4.19 2.79
N TRP G 9 -31.37 -3.89 3.85
CA TRP G 9 -31.30 -2.54 4.37
C TRP G 9 -29.90 -1.94 4.38
N ILE G 10 -28.86 -2.76 4.59
CA ILE G 10 -27.52 -2.21 4.71
C ILE G 10 -26.97 -1.74 3.37
N GLN G 11 -27.34 -2.39 2.27
CA GLN G 11 -27.07 -1.81 0.97
C GLN G 11 -28.01 -0.66 0.66
N SER G 12 -29.19 -0.67 1.27
CA SER G 12 -30.17 0.38 0.98
C SER G 12 -29.77 1.70 1.60
N LYS G 13 -29.16 1.66 2.78
CA LYS G 13 -28.72 2.85 3.48
C LYS G 13 -27.21 2.79 3.74
N ARG G 14 -26.45 2.35 2.75
CA ARG G 14 -25.00 2.34 2.90
C ARG G 14 -24.43 3.76 2.95
N GLU G 15 -25.00 4.67 2.16
CA GLU G 15 -24.60 6.07 2.25
C GLU G 15 -25.00 6.69 3.57
N ASP G 16 -26.10 6.21 4.17
CA ASP G 16 -26.41 6.62 5.54
C ASP G 16 -25.39 6.06 6.51
N ILE G 17 -25.13 4.75 6.44
CA ILE G 17 -24.34 4.09 7.48
C ILE G 17 -22.85 4.36 7.37
N VAL G 18 -22.39 5.01 6.30
CA VAL G 18 -20.98 5.36 6.25
C VAL G 18 -20.70 6.63 7.06
N ASN G 19 -21.56 7.64 6.95
CA ASN G 19 -21.33 8.90 7.65
C ASN G 19 -22.23 9.06 8.88
N GLN G 20 -22.76 7.96 9.40
CA GLN G 20 -23.53 8.03 10.64
C GLN G 20 -23.11 6.99 11.67
N MET G 21 -22.56 5.85 11.26
CA MET G 21 -22.04 4.85 12.18
C MET G 21 -20.64 5.27 12.59
N THR G 22 -20.50 5.66 13.86
CA THR G 22 -19.20 6.13 14.33
C THR G 22 -18.27 4.95 14.54
N GLU G 23 -16.99 5.29 14.74
CA GLU G 23 -15.93 4.28 14.79
C GLU G 23 -16.03 3.38 16.02
N ALA G 24 -16.60 3.86 17.12
CA ALA G 24 -16.78 2.95 18.23
C ALA G 24 -18.04 2.11 18.09
N CYS G 25 -19.11 2.67 17.50
CA CYS G 25 -20.26 1.86 17.14
C CYS G 25 -19.92 0.92 16.00
N LEU G 26 -18.93 1.28 15.18
CA LEU G 26 -18.26 0.31 14.32
C LEU G 26 -17.60 -0.78 15.16
N ASN G 27 -16.73 -0.39 16.08
CA ASN G 27 -15.92 -1.36 16.78
C ASN G 27 -16.63 -2.07 17.92
N GLN G 28 -17.74 -1.53 18.45
CA GLN G 28 -18.49 -2.33 19.42
C GLN G 28 -19.22 -3.48 18.75
N SER G 29 -19.47 -3.38 17.46
CA SER G 29 -20.12 -4.43 16.70
C SER G 29 -19.13 -5.31 15.97
N LEU G 30 -18.04 -4.73 15.47
CA LEU G 30 -17.12 -5.51 14.66
C LEU G 30 -16.30 -6.45 15.54
N ASP G 31 -15.98 -6.02 16.76
CA ASP G 31 -15.39 -6.95 17.73
C ASP G 31 -16.43 -7.96 18.20
N ALA G 32 -17.70 -7.58 18.21
CA ALA G 32 -18.75 -8.54 18.55
C ALA G 32 -18.96 -9.56 17.45
N LEU G 33 -18.50 -9.28 16.22
CA LEU G 33 -18.59 -10.28 15.16
C LEU G 33 -17.62 -11.43 15.40
N LEU G 34 -16.54 -11.21 16.15
CA LEU G 34 -15.66 -12.29 16.51
C LEU G 34 -16.12 -13.06 17.74
N SER G 35 -17.29 -12.72 18.28
CA SER G 35 -17.76 -13.40 19.48
C SER G 35 -18.39 -14.74 19.16
N ARG G 36 -19.09 -14.85 18.03
CA ARG G 36 -19.71 -16.10 17.63
C ARG G 36 -18.84 -16.89 16.67
N ASP G 37 -17.57 -16.49 16.51
CA ASP G 37 -16.69 -16.94 15.43
C ASP G 37 -17.36 -16.74 14.08
N LEU G 38 -18.03 -15.60 13.94
CA LEU G 38 -18.97 -15.34 12.86
C LEU G 38 -18.35 -14.49 11.75
N ILE G 39 -17.38 -13.67 12.10
CA ILE G 39 -16.47 -13.10 11.12
C ILE G 39 -15.15 -13.84 11.30
N MET G 40 -14.24 -13.69 10.35
CA MET G 40 -12.96 -14.36 10.44
C MET G 40 -12.04 -13.65 11.41
N LYS G 41 -10.91 -14.29 11.69
CA LYS G 41 -9.94 -13.78 12.66
C LYS G 41 -8.70 -13.22 11.99
N GLU G 42 -8.76 -12.96 10.69
CA GLU G 42 -7.68 -12.23 10.03
C GLU G 42 -8.15 -11.18 9.03
N ASP G 43 -9.44 -11.08 8.75
CA ASP G 43 -9.97 -9.85 8.15
C ASP G 43 -10.21 -8.76 9.18
N TYR G 44 -10.18 -9.09 10.47
CA TYR G 44 -10.38 -8.08 11.50
C TYR G 44 -9.25 -7.07 11.52
N GLU G 45 -8.01 -7.54 11.43
CA GLU G 45 -6.91 -6.60 11.36
C GLU G 45 -6.66 -6.08 9.96
N LEU G 46 -7.55 -6.34 9.01
CA LEU G 46 -7.55 -5.66 7.73
C LEU G 46 -8.54 -4.51 7.68
N VAL G 47 -9.63 -4.61 8.42
CA VAL G 47 -10.58 -3.51 8.52
C VAL G 47 -10.20 -2.53 9.62
N SER G 48 -9.54 -2.99 10.69
CA SER G 48 -9.09 -2.08 11.73
C SER G 48 -7.81 -1.34 11.35
N THR G 49 -7.02 -1.88 10.44
CA THR G 49 -5.75 -1.26 10.08
C THR G 49 -5.91 -0.11 9.09
N LYS G 50 -7.12 0.11 8.58
CA LYS G 50 -7.37 1.25 7.73
C LYS G 50 -7.12 2.53 8.50
N PRO G 51 -6.26 3.43 8.02
CA PRO G 51 -5.90 4.59 8.83
C PRO G 51 -7.03 5.58 8.99
N THR G 52 -7.80 5.78 7.93
CA THR G 52 -8.97 6.65 8.01
C THR G 52 -10.17 5.85 8.49
N ARG G 53 -11.17 6.57 9.00
CA ARG G 53 -12.39 5.92 9.42
C ARG G 53 -13.32 5.66 8.24
N THR G 54 -13.21 6.46 7.17
CA THR G 54 -14.11 6.31 6.03
C THR G 54 -13.87 5.03 5.26
N SER G 55 -12.73 4.38 5.44
CA SER G 55 -12.55 3.02 4.97
C SER G 55 -12.54 2.02 6.10
N LYS G 56 -12.39 2.46 7.35
CA LYS G 56 -12.53 1.55 8.47
C LYS G 56 -13.98 1.13 8.65
N VAL G 57 -14.94 1.95 8.23
CA VAL G 57 -16.32 1.52 8.28
C VAL G 57 -16.71 0.76 7.01
N ARG G 58 -16.17 1.14 5.86
CA ARG G 58 -16.62 0.55 4.60
C ARG G 58 -15.98 -0.79 4.30
N GLN G 59 -14.78 -1.05 4.83
CA GLN G 59 -14.21 -2.38 4.67
C GLN G 59 -14.97 -3.41 5.49
N LEU G 60 -15.70 -2.98 6.52
CA LEU G 60 -16.76 -3.82 7.05
C LEU G 60 -17.97 -3.81 6.14
N LEU G 61 -18.33 -2.64 5.60
CA LEU G 61 -19.58 -2.51 4.87
C LEU G 61 -19.59 -3.20 3.51
N ASP G 62 -18.44 -3.55 2.95
CA ASP G 62 -18.48 -4.46 1.81
C ASP G 62 -18.28 -5.91 2.23
N THR G 63 -17.65 -6.13 3.39
CA THR G 63 -17.57 -7.46 3.95
C THR G 63 -18.96 -7.97 4.32
N THR G 64 -19.81 -7.08 4.83
CA THR G 64 -21.18 -7.48 5.06
C THR G 64 -22.00 -7.52 3.78
N ASP G 65 -21.50 -6.96 2.67
CA ASP G 65 -22.15 -7.16 1.39
C ASP G 65 -21.83 -8.53 0.81
N ILE G 66 -20.70 -9.13 1.21
CA ILE G 66 -20.30 -10.39 0.61
C ILE G 66 -20.58 -11.54 1.57
N GLN G 67 -20.50 -11.31 2.87
CA GLN G 67 -20.86 -12.36 3.81
C GLN G 67 -22.38 -12.52 3.86
N GLY G 68 -22.82 -13.64 4.42
CA GLY G 68 -24.19 -14.08 4.27
C GLY G 68 -25.20 -13.25 5.04
N GLU G 69 -26.45 -13.70 4.96
CA GLU G 69 -27.50 -13.02 5.72
C GLU G 69 -27.41 -13.36 7.20
N GLU G 70 -26.76 -14.47 7.56
CA GLU G 70 -26.48 -14.76 8.96
C GLU G 70 -25.40 -13.85 9.52
N PHE G 71 -24.63 -13.20 8.66
CA PHE G 71 -23.68 -12.18 9.07
C PHE G 71 -24.40 -10.87 9.38
N ALA G 72 -25.19 -10.40 8.42
CA ALA G 72 -25.85 -9.11 8.54
C ALA G 72 -27.03 -9.13 9.50
N LYS G 73 -27.56 -10.31 9.87
CA LYS G 73 -28.67 -10.34 10.80
C LYS G 73 -28.23 -10.05 12.22
N VAL G 74 -26.92 -10.10 12.50
CA VAL G 74 -26.40 -9.77 13.82
C VAL G 74 -25.71 -8.42 13.83
N ILE G 75 -25.39 -7.85 12.66
CA ILE G 75 -24.84 -6.50 12.62
C ILE G 75 -25.93 -5.45 12.70
N VAL G 76 -27.20 -5.85 12.56
CA VAL G 76 -28.28 -4.88 12.46
C VAL G 76 -28.84 -4.48 13.83
N GLN G 77 -29.05 -5.42 14.76
CA GLN G 77 -29.54 -5.01 16.07
C GLN G 77 -28.43 -4.46 16.94
N LYS G 78 -27.17 -4.70 16.58
CA LYS G 78 -26.08 -3.93 17.14
C LYS G 78 -26.02 -2.52 16.58
N LEU G 79 -26.82 -2.22 15.56
CA LEU G 79 -27.01 -0.87 15.08
C LEU G 79 -28.41 -0.34 15.37
N LYS G 80 -29.28 -1.13 15.99
CA LYS G 80 -30.55 -0.64 16.48
C LYS G 80 -30.59 -0.45 17.99
N ASP G 81 -29.71 -1.12 18.73
CA ASP G 81 -29.62 -0.86 20.16
C ASP G 81 -29.03 0.52 20.43
N ASN G 82 -28.12 0.98 19.59
CA ASN G 82 -27.66 2.36 19.67
C ASN G 82 -28.78 3.28 19.21
N LYS G 83 -29.06 4.32 19.99
CA LYS G 83 -30.10 5.29 19.64
C LYS G 83 -29.55 6.18 18.54
N GLN G 84 -29.58 5.64 17.32
CA GLN G 84 -29.10 6.37 16.15
C GLN G 84 -30.21 6.64 15.15
N MET G 85 -30.88 5.59 14.67
CA MET G 85 -31.90 5.61 13.63
C MET G 85 -32.50 4.22 13.53
N GLY G 86 -33.80 4.14 13.26
CA GLY G 86 -34.46 2.85 13.29
C GLY G 86 -35.15 2.44 12.00
N LEU G 87 -34.57 1.44 11.32
CA LEU G 87 -35.16 0.80 10.16
C LEU G 87 -34.60 -0.62 10.10
N GLN G 88 -35.47 -1.61 9.95
CA GLN G 88 -35.00 -2.99 9.90
C GLN G 88 -34.75 -3.43 8.47
N PRO H 3 -6.27 25.50 -13.22
CA PRO H 3 -5.41 26.63 -12.87
C PRO H 3 -5.83 27.27 -11.55
N GLY H 4 -6.66 28.31 -11.63
CA GLY H 4 -7.18 28.96 -10.45
C GLY H 4 -6.43 30.23 -10.11
N ILE H 5 -7.18 31.17 -9.52
CA ILE H 5 -6.64 32.45 -9.07
C ILE H 5 -6.25 32.39 -7.60
N ALA H 6 -7.03 31.70 -6.78
CA ALA H 6 -6.62 31.46 -5.40
C ALA H 6 -5.48 30.45 -5.32
N GLN H 7 -5.40 29.54 -6.30
CA GLN H 7 -4.29 28.61 -6.39
C GLN H 7 -3.11 29.15 -7.19
N GLN H 8 -2.95 30.47 -7.26
CA GLN H 8 -1.75 31.02 -7.88
C GLN H 8 -0.54 30.87 -6.98
N TRP H 9 -0.75 30.65 -5.69
CA TRP H 9 0.30 30.79 -4.70
C TRP H 9 0.58 29.51 -3.92
N ILE H 10 -0.45 28.70 -3.64
CA ILE H 10 -0.24 27.53 -2.79
C ILE H 10 0.53 26.43 -3.52
N GLN H 11 0.38 26.30 -4.83
CA GLN H 11 1.31 25.47 -5.59
C GLN H 11 2.65 26.15 -5.76
N SER H 12 2.67 27.48 -5.73
CA SER H 12 3.90 28.21 -5.96
C SER H 12 4.84 28.08 -4.76
N LYS H 13 4.29 28.05 -3.55
CA LYS H 13 5.07 27.93 -2.33
C LYS H 13 4.63 26.70 -1.54
N ARG H 14 4.41 25.58 -2.24
CA ARG H 14 4.08 24.35 -1.54
C ARG H 14 5.26 23.83 -0.72
N GLU H 15 6.48 23.98 -1.26
CA GLU H 15 7.65 23.61 -0.48
C GLU H 15 7.86 24.53 0.70
N ASP H 16 7.43 25.78 0.59
CA ASP H 16 7.40 26.67 1.75
C ASP H 16 6.35 26.18 2.75
N ILE H 17 5.13 25.96 2.30
CA ILE H 17 4.02 25.73 3.21
C ILE H 17 4.03 24.33 3.81
N VAL H 18 4.90 23.43 3.35
CA VAL H 18 4.95 22.12 4.01
C VAL H 18 5.80 22.19 5.27
N ASN H 19 6.93 22.90 5.25
CA ASN H 19 7.81 22.96 6.40
C ASN H 19 7.72 24.30 7.13
N GLN H 20 6.63 25.04 6.94
CA GLN H 20 6.42 26.27 7.69
C GLN H 20 5.05 26.37 8.31
N MET H 21 4.03 25.73 7.75
CA MET H 21 2.69 25.69 8.31
C MET H 21 2.67 24.61 9.39
N THR H 22 2.58 25.02 10.65
CA THR H 22 2.59 24.05 11.73
C THR H 22 1.26 23.33 11.83
N GLU H 23 1.26 22.27 12.62
CA GLU H 23 0.11 21.37 12.69
C GLU H 23 -1.12 22.02 13.33
N ALA H 24 -0.94 22.99 14.20
CA ALA H 24 -2.12 23.67 14.71
C ALA H 24 -2.60 24.76 13.76
N CYS H 25 -1.68 25.45 13.07
CA CYS H 25 -2.09 26.35 12.00
C CYS H 25 -2.64 25.56 10.82
N LEU H 26 -2.21 24.31 10.67
CA LEU H 26 -2.94 23.35 9.84
C LEU H 26 -4.36 23.16 10.38
N ASN H 27 -4.47 22.77 11.64
CA ASN H 27 -5.76 22.38 12.17
C ASN H 27 -6.66 23.54 12.56
N GLN H 28 -6.14 24.74 12.77
CA GLN H 28 -7.06 25.87 12.98
C GLN H 28 -7.75 26.26 11.69
N SER H 29 -7.17 25.91 10.55
CA SER H 29 -7.76 26.20 9.25
C SER H 29 -8.50 25.02 8.68
N LEU H 30 -8.02 23.80 8.93
CA LEU H 30 -8.65 22.64 8.32
C LEU H 30 -9.96 22.31 9.01
N ASP H 31 -10.05 22.54 10.32
CA ASP H 31 -11.34 22.47 10.99
C ASP H 31 -12.23 23.62 10.60
N ALA H 32 -11.64 24.77 10.24
CA ALA H 32 -12.43 25.88 9.74
C ALA H 32 -12.96 25.62 8.35
N LEU H 33 -12.37 24.66 7.62
CA LEU H 33 -12.92 24.30 6.31
C LEU H 33 -14.25 23.57 6.44
N LEU H 34 -14.50 22.92 7.58
CA LEU H 34 -15.80 22.31 7.81
C LEU H 34 -16.82 23.29 8.35
N SER H 35 -16.47 24.57 8.47
CA SER H 35 -17.41 25.54 9.02
C SER H 35 -18.43 26.00 7.98
N ARG H 36 -18.01 26.14 6.73
CA ARG H 36 -18.90 26.55 5.66
C ARG H 36 -19.47 25.37 4.90
N ASP H 37 -19.30 24.15 5.42
CA ASP H 37 -19.52 22.89 4.70
C ASP H 37 -18.75 22.90 3.38
N LEU H 38 -17.52 23.41 3.44
CA LEU H 38 -16.74 23.77 2.27
C LEU H 38 -15.71 22.71 1.93
N ILE H 39 -15.24 21.97 2.91
CA ILE H 39 -14.57 20.71 2.68
C ILE H 39 -15.56 19.61 3.06
N MET H 40 -15.27 18.38 2.69
CA MET H 40 -16.17 17.28 3.02
C MET H 40 -16.02 16.86 4.46
N LYS H 41 -16.92 15.98 4.90
CA LYS H 41 -16.97 15.53 6.28
C LYS H 41 -16.45 14.10 6.43
N GLU H 42 -15.77 13.57 5.43
CA GLU H 42 -15.08 12.30 5.59
C GLU H 42 -13.69 12.26 4.97
N ASP H 43 -13.25 13.30 4.27
CA ASP H 43 -11.82 13.48 4.04
C ASP H 43 -11.11 14.11 5.22
N TYR H 44 -11.85 14.66 6.18
CA TYR H 44 -11.23 15.27 7.36
C TYR H 44 -10.53 14.23 8.21
N GLU H 45 -11.16 13.09 8.44
CA GLU H 45 -10.49 12.05 9.18
C GLU H 45 -9.58 11.19 8.32
N LEU H 46 -9.33 11.58 7.06
CA LEU H 46 -8.27 11.00 6.26
C LEU H 46 -7.02 11.83 6.27
N VAL H 47 -7.14 13.15 6.42
CA VAL H 47 -5.98 14.02 6.55
C VAL H 47 -5.52 14.13 8.00
N SER H 48 -6.43 14.01 8.97
CA SER H 48 -6.03 14.05 10.38
C SER H 48 -5.47 12.72 10.86
N THR H 49 -5.81 11.62 10.20
CA THR H 49 -5.36 10.30 10.64
C THR H 49 -3.95 9.98 10.20
N LYS H 50 -3.33 10.84 9.38
CA LYS H 50 -1.94 10.66 9.01
C LYS H 50 -1.07 10.74 10.26
N PRO H 51 -0.25 9.73 10.54
CA PRO H 51 0.48 9.73 11.82
C PRO H 51 1.56 10.79 11.88
N THR H 52 2.25 11.02 10.78
CA THR H 52 3.24 12.07 10.72
C THR H 52 2.57 13.39 10.32
N ARG H 53 3.26 14.49 10.64
CA ARG H 53 2.75 15.79 10.25
C ARG H 53 3.10 16.11 8.81
N THR H 54 4.17 15.52 8.26
CA THR H 54 4.59 15.83 6.90
C THR H 54 3.62 15.32 5.86
N SER H 55 2.74 14.39 6.20
CA SER H 55 1.61 14.05 5.35
C SER H 55 0.30 14.57 5.92
N LYS H 56 0.27 14.96 7.19
CA LYS H 56 -0.92 15.62 7.72
C LYS H 56 -1.10 17.01 7.13
N VAL H 57 -0.01 17.65 6.72
CA VAL H 57 -0.16 18.94 6.04
C VAL H 57 -0.36 18.75 4.54
N ARG H 58 0.28 17.75 3.94
CA ARG H 58 0.25 17.61 2.49
C ARG H 58 -1.01 16.95 1.97
N GLN H 59 -1.66 16.11 2.78
CA GLN H 59 -2.94 15.55 2.36
C GLN H 59 -4.02 16.63 2.35
N LEU H 60 -3.83 17.72 3.09
CA LEU H 60 -4.58 18.94 2.78
C LEU H 60 -4.02 19.62 1.54
N LEU H 61 -2.69 19.67 1.41
CA LEU H 61 -2.10 20.48 0.36
C LEU H 61 -2.26 19.90 -1.05
N ASP H 62 -2.62 18.63 -1.19
CA ASP H 62 -3.06 18.19 -2.51
C ASP H 62 -4.58 18.23 -2.64
N THR H 63 -5.30 18.18 -1.52
CA THR H 63 -6.73 18.40 -1.53
C THR H 63 -7.06 19.81 -1.97
N THR H 64 -6.25 20.78 -1.54
CA THR H 64 -6.43 22.13 -2.05
C THR H 64 -5.88 22.31 -3.46
N ASP H 65 -5.09 21.35 -3.96
CA ASP H 65 -4.72 21.38 -5.37
C ASP H 65 -5.84 20.87 -6.25
N ILE H 66 -6.74 20.06 -5.71
CA ILE H 66 -7.78 19.46 -6.53
C ILE H 66 -9.12 20.17 -6.29
N GLN H 67 -9.35 20.66 -5.08
CA GLN H 67 -10.57 21.41 -4.87
C GLN H 67 -10.44 22.81 -5.47
N GLY H 68 -11.57 23.48 -5.62
CA GLY H 68 -11.67 24.66 -6.46
C GLY H 68 -10.98 25.87 -5.90
N GLU H 69 -11.11 26.98 -6.62
CA GLU H 69 -10.54 28.24 -6.14
C GLU H 69 -11.37 28.82 -5.00
N GLU H 70 -12.64 28.43 -4.89
CA GLU H 70 -13.44 28.79 -3.72
C GLU H 70 -13.00 28.04 -2.46
N PHE H 71 -12.25 26.95 -2.64
CA PHE H 71 -11.64 26.25 -1.51
C PHE H 71 -10.40 26.99 -1.03
N ALA H 72 -9.49 27.27 -1.96
CA ALA H 72 -8.22 27.90 -1.62
C ALA H 72 -8.33 29.37 -1.29
N LYS H 73 -9.44 30.03 -1.65
CA LYS H 73 -9.57 31.46 -1.33
C LYS H 73 -9.87 31.67 0.14
N VAL H 74 -10.26 30.62 0.86
CA VAL H 74 -10.50 30.72 2.30
C VAL H 74 -9.39 30.06 3.10
N ILE H 75 -8.53 29.25 2.48
CA ILE H 75 -7.38 28.70 3.19
C ILE H 75 -6.23 29.70 3.23
N VAL H 76 -6.31 30.78 2.46
CA VAL H 76 -5.17 31.68 2.33
C VAL H 76 -5.16 32.77 3.40
N GLN H 77 -6.30 33.40 3.72
CA GLN H 77 -6.27 34.40 4.77
C GLN H 77 -6.27 33.77 6.15
N LYS H 78 -6.62 32.49 6.26
CA LYS H 78 -6.31 31.73 7.45
C LYS H 78 -4.83 31.40 7.56
N LEU H 79 -4.05 31.65 6.51
CA LEU H 79 -2.61 31.58 6.56
C LEU H 79 -1.95 32.95 6.46
N LYS H 80 -2.73 34.02 6.32
CA LYS H 80 -2.18 35.37 6.42
C LYS H 80 -2.51 36.06 7.73
N ASP H 81 -3.55 35.62 8.44
CA ASP H 81 -3.81 36.15 9.77
C ASP H 81 -2.75 35.71 10.76
N ASN H 82 -2.21 34.52 10.59
CA ASN H 82 -1.06 34.10 11.37
C ASN H 82 0.16 34.88 10.91
N LYS H 83 0.90 35.45 11.85
CA LYS H 83 2.11 36.20 11.53
C LYS H 83 3.21 35.19 11.17
N GLN H 84 3.13 34.70 9.94
CA GLN H 84 4.10 33.73 9.44
C GLN H 84 4.90 34.30 8.27
N MET H 85 4.23 34.70 7.20
CA MET H 85 4.79 35.17 5.94
C MET H 85 3.65 35.70 5.08
N GLY H 86 3.93 36.75 4.31
CA GLY H 86 2.86 37.39 3.56
C GLY H 86 3.04 37.46 2.07
N LEU H 87 2.25 36.66 1.34
CA LEU H 87 2.15 36.71 -0.12
C LEU H 87 0.77 36.21 -0.48
N GLN H 88 0.07 36.95 -1.34
CA GLN H 88 -1.28 36.56 -1.73
C GLN H 88 -1.24 35.70 -2.99
N PRO I 3 27.27 -0.16 1.40
CA PRO I 3 28.03 -0.80 2.48
C PRO I 3 28.26 0.13 3.66
N GLY I 4 29.39 0.82 3.67
CA GLY I 4 29.70 1.78 4.71
C GLY I 4 30.62 1.23 5.78
N ILE I 5 31.42 2.13 6.34
CA ILE I 5 32.34 1.80 7.42
C ILE I 5 31.71 2.10 8.78
N ALA I 6 30.94 3.19 8.88
CA ALA I 6 30.19 3.43 10.10
C ALA I 6 29.01 2.46 10.22
N GLN I 7 28.49 1.99 9.09
CA GLN I 7 27.44 0.97 9.08
C GLN I 7 27.98 -0.44 9.10
N GLN I 8 29.19 -0.66 9.62
CA GLN I 8 29.68 -2.02 9.79
C GLN I 8 29.00 -2.71 10.96
N TRP I 9 28.41 -1.94 11.86
CA TRP I 9 27.99 -2.47 13.15
C TRP I 9 26.51 -2.33 13.42
N ILE I 10 25.86 -1.28 12.94
CA ILE I 10 24.45 -1.06 13.26
C ILE I 10 23.54 -2.04 12.54
N GLN I 11 23.89 -2.48 11.34
CA GLN I 11 23.20 -3.62 10.75
C GLN I 11 23.63 -4.91 11.40
N SER I 12 24.85 -4.96 11.95
CA SER I 12 25.35 -6.19 12.53
C SER I 12 24.66 -6.49 13.85
N LYS I 13 24.32 -5.47 14.62
CA LYS I 13 23.64 -5.63 15.90
C LYS I 13 22.33 -4.87 15.91
N ARG I 14 21.58 -4.94 14.81
CA ARG I 14 20.27 -4.30 14.78
C ARG I 14 19.29 -4.99 15.71
N GLU I 15 19.36 -6.32 15.82
CA GLU I 15 18.54 -7.04 16.78
C GLU I 15 18.95 -6.72 18.21
N ASP I 16 20.23 -6.42 18.43
CA ASP I 16 20.65 -5.91 19.73
C ASP I 16 20.07 -4.51 19.96
N ILE I 17 20.26 -3.61 19.01
CA ILE I 17 19.95 -2.20 19.24
C ILE I 17 18.45 -1.91 19.20
N VAL I 18 17.61 -2.87 18.82
CA VAL I 18 16.18 -2.60 18.88
C VAL I 18 15.65 -2.80 20.29
N ASN I 19 16.09 -3.85 21.00
CA ASN I 19 15.59 -4.13 22.33
C ASN I 19 16.59 -3.77 23.42
N GLN I 20 17.55 -2.89 23.11
CA GLN I 20 18.48 -2.42 24.14
C GLN I 20 18.62 -0.90 24.15
N MET I 21 18.42 -0.22 23.03
CA MET I 21 18.45 1.23 22.96
C MET I 21 17.09 1.75 23.42
N THR I 22 17.06 2.38 24.60
CA THR I 22 15.79 2.85 25.13
C THR I 22 15.36 4.12 24.40
N GLU I 23 14.11 4.50 24.65
CA GLU I 23 13.48 5.58 23.91
C GLU I 23 14.09 6.95 24.21
N ALA I 24 14.67 7.15 25.38
CA ALA I 24 15.35 8.41 25.59
C ALA I 24 16.76 8.39 25.05
N CYS I 25 17.44 7.26 25.10
CA CYS I 25 18.72 7.12 24.40
C CYS I 25 18.51 7.12 22.88
N LEU I 26 17.32 6.71 22.45
CA LEU I 26 16.85 7.02 21.10
C LEU I 26 16.78 8.54 20.91
N ASN I 27 16.01 9.20 21.77
CA ASN I 27 15.71 10.60 21.55
C ASN I 27 16.82 11.55 21.96
N GLN I 28 17.76 11.14 22.82
CA GLN I 28 18.90 12.03 23.06
C GLN I 28 19.84 12.07 21.87
N SER I 29 19.79 11.06 21.00
CA SER I 29 20.61 11.01 19.81
C SER I 29 19.85 11.47 18.58
N LEU I 30 18.55 11.17 18.51
CA LEU I 30 17.80 11.50 17.30
C LEU I 30 17.52 12.98 17.23
N ASP I 31 17.31 13.64 18.37
CA ASP I 31 17.26 15.09 18.40
C ASP I 31 18.64 15.69 18.16
N ALA I 32 19.70 14.97 18.54
CA ALA I 32 21.04 15.43 18.25
C ALA I 32 21.37 15.31 16.77
N LEU I 33 20.63 14.49 16.03
CA LEU I 33 20.84 14.41 14.59
C LEU I 33 20.38 15.68 13.88
N LEU I 34 19.45 16.42 14.48
CA LEU I 34 19.05 17.71 13.92
C LEU I 34 19.98 18.84 14.34
N SER I 35 21.04 18.54 15.08
CA SER I 35 21.92 19.61 15.55
C SER I 35 22.90 20.05 14.46
N ARG I 36 23.37 19.11 13.63
CA ARG I 36 24.28 19.44 12.55
C ARG I 36 23.56 19.65 11.22
N ASP I 37 22.22 19.75 11.26
CA ASP I 37 21.34 19.67 10.09
C ASP I 37 21.66 18.40 9.30
N LEU I 38 21.87 17.32 10.03
CA LEU I 38 22.45 16.08 9.51
C LEU I 38 21.39 15.03 9.22
N ILE I 39 20.29 15.07 9.93
CA ILE I 39 19.07 14.39 9.52
C ILE I 39 18.12 15.48 9.01
N MET I 40 17.06 15.09 8.34
CA MET I 40 16.11 16.07 7.83
C MET I 40 15.20 16.58 8.94
N LYS I 41 14.42 17.60 8.59
CA LYS I 41 13.54 18.26 9.55
C LYS I 41 12.08 17.91 9.33
N GLU I 42 11.80 16.87 8.55
CA GLU I 42 10.44 16.35 8.47
C GLU I 42 10.34 14.84 8.49
N ASP I 43 11.45 14.10 8.48
CA ASP I 43 11.43 12.71 8.92
C ASP I 43 11.48 12.57 10.44
N TYR I 44 11.79 13.66 11.16
CA TYR I 44 11.84 13.60 12.62
C TYR I 44 10.46 13.36 13.21
N GLU I 45 9.45 14.06 12.70
CA GLU I 45 8.11 13.82 13.18
C GLU I 45 7.44 12.64 12.49
N LEU I 46 8.18 11.86 11.69
CA LEU I 46 7.70 10.57 11.21
C LEU I 46 8.23 9.42 12.05
N VAL I 47 9.41 9.57 12.64
CA VAL I 47 9.95 8.55 13.54
C VAL I 47 9.47 8.78 14.97
N SER I 48 9.22 10.02 15.37
CA SER I 48 8.70 10.28 16.70
C SER I 48 7.20 10.02 16.82
N THR I 49 6.48 10.07 15.70
CA THR I 49 5.03 9.89 15.75
C THR I 49 4.61 8.43 15.80
N LYS I 50 5.55 7.50 15.71
CA LYS I 50 5.25 6.09 15.88
C LYS I 50 4.74 5.86 17.29
N PRO I 51 3.55 5.27 17.47
CA PRO I 51 2.98 5.17 18.81
C PRO I 51 3.73 4.21 19.70
N THR I 52 4.18 3.09 19.14
CA THR I 52 4.98 2.15 19.90
C THR I 52 6.45 2.53 19.81
N ARG I 53 7.23 2.04 20.77
CA ARG I 53 8.66 2.29 20.76
C ARG I 53 9.37 1.33 19.80
N THR I 54 8.80 0.15 19.55
CA THR I 54 9.47 -0.83 18.71
C THR I 54 9.54 -0.41 17.26
N SER I 55 8.73 0.56 16.84
CA SER I 55 8.93 1.20 15.56
C SER I 55 9.47 2.62 15.71
N LYS I 56 9.41 3.19 16.91
CA LYS I 56 10.06 4.48 17.13
C LYS I 56 11.57 4.34 17.11
N VAL I 57 12.10 3.17 17.44
CA VAL I 57 13.54 2.97 17.33
C VAL I 57 13.90 2.50 15.92
N ARG I 58 13.06 1.69 15.28
CA ARG I 58 13.44 1.09 14.01
C ARG I 58 13.24 2.01 12.83
N GLN I 59 12.32 2.97 12.92
CA GLN I 59 12.19 3.94 11.85
C GLN I 59 13.40 4.88 11.82
N LEU I 60 14.12 5.00 12.94
CA LEU I 60 15.48 5.51 12.86
C LEU I 60 16.43 4.45 12.31
N LEU I 61 16.27 3.21 12.74
CA LEU I 61 17.25 2.18 12.42
C LEU I 61 17.23 1.73 10.96
N ASP I 62 16.17 2.02 10.20
CA ASP I 62 16.30 1.85 8.76
C ASP I 62 16.67 3.16 8.07
N THR I 63 16.39 4.30 8.70
CA THR I 63 16.87 5.57 8.20
C THR I 63 18.38 5.64 8.27
N THR I 64 18.97 5.08 9.31
CA THR I 64 20.42 4.98 9.34
C THR I 64 20.95 3.85 8.45
N ASP I 65 20.08 2.96 7.98
CA ASP I 65 20.51 2.00 6.97
C ASP I 65 20.57 2.64 5.59
N ILE I 66 19.80 3.70 5.37
CA ILE I 66 19.72 4.30 4.04
C ILE I 66 20.56 5.58 3.98
N GLN I 67 20.65 6.31 5.10
CA GLN I 67 21.51 7.48 5.09
C GLN I 67 22.97 7.06 5.17
N GLY I 68 23.86 7.99 4.86
CA GLY I 68 25.25 7.68 4.58
C GLY I 68 26.04 7.27 5.80
N GLU I 69 27.34 7.05 5.57
CA GLU I 69 28.21 6.72 6.68
C GLU I 69 28.52 7.94 7.53
N GLU I 70 28.37 9.14 6.96
CA GLU I 70 28.47 10.36 7.77
C GLU I 70 27.26 10.53 8.69
N PHE I 71 26.18 9.82 8.42
CA PHE I 71 25.04 9.79 9.33
C PHE I 71 25.32 8.85 10.50
N ALA I 72 25.71 7.62 10.21
CA ALA I 72 25.93 6.62 11.23
C ALA I 72 27.20 6.82 12.03
N LYS I 73 28.14 7.64 11.55
CA LYS I 73 29.36 7.85 12.32
C LYS I 73 29.13 8.77 13.51
N VAL I 74 27.99 9.46 13.54
CA VAL I 74 27.64 10.31 14.68
C VAL I 74 26.55 9.67 15.55
N ILE I 75 25.85 8.66 15.05
CA ILE I 75 24.88 7.95 15.88
C ILE I 75 25.57 6.90 16.76
N VAL I 76 26.84 6.62 16.50
CA VAL I 76 27.49 5.50 17.19
C VAL I 76 28.14 5.93 18.51
N GLN I 77 28.82 7.09 18.58
CA GLN I 77 29.39 7.50 19.85
C GLN I 77 28.34 8.12 20.75
N LYS I 78 27.19 8.51 20.20
CA LYS I 78 26.02 8.78 21.02
C LYS I 78 25.40 7.50 21.58
N LEU I 79 25.84 6.34 21.10
CA LEU I 79 25.48 5.06 21.69
C LEU I 79 26.65 4.38 22.39
N LYS I 80 27.84 5.00 22.39
CA LYS I 80 28.94 4.52 23.21
C LYS I 80 29.20 5.37 24.44
N ASP I 81 28.75 6.62 24.45
CA ASP I 81 28.84 7.43 25.66
C ASP I 81 27.90 6.92 26.73
N ASN I 82 26.74 6.39 26.34
CA ASN I 82 25.87 5.72 27.29
C ASN I 82 26.52 4.40 27.68
N LYS I 83 26.57 4.13 28.98
CA LYS I 83 27.14 2.88 29.48
C LYS I 83 26.13 1.77 29.21
N GLN I 84 26.11 1.31 27.97
CA GLN I 84 25.20 0.24 27.56
C GLN I 84 25.96 -1.01 27.13
N MET I 85 26.82 -0.88 26.12
CA MET I 85 27.58 -1.96 25.48
C MET I 85 28.57 -1.33 24.53
N GLY I 86 29.75 -1.93 24.40
CA GLY I 86 30.79 -1.31 23.61
C GLY I 86 31.33 -2.14 22.46
N LEU I 87 31.00 -1.72 21.23
CA LEU I 87 31.54 -2.28 20.00
C LEU I 87 31.48 -1.17 18.95
N GLN I 88 32.58 -0.95 18.25
CA GLN I 88 32.61 0.10 17.24
C GLN I 88 32.25 -0.46 15.87
N PRO J 3 -7.76 -23.19 16.88
CA PRO J 3 -8.87 -23.38 17.83
C PRO J 3 -8.45 -23.10 19.27
N GLY J 4 -8.03 -24.13 19.99
CA GLY J 4 -7.55 -23.98 21.34
C GLY J 4 -8.61 -24.32 22.39
N ILE J 5 -8.12 -24.82 23.52
CA ILE J 5 -8.95 -25.17 24.66
C ILE J 5 -9.02 -24.02 25.66
N ALA J 6 -7.92 -23.31 25.86
CA ALA J 6 -7.96 -22.10 26.66
C ALA J 6 -8.66 -20.97 25.93
N GLN J 7 -8.61 -20.98 24.60
CA GLN J 7 -9.34 -20.01 23.79
C GLN J 7 -10.76 -20.46 23.47
N GLN J 8 -11.36 -21.31 24.29
CA GLN J 8 -12.77 -21.63 24.09
C GLN J 8 -13.67 -20.49 24.53
N TRP J 9 -13.15 -19.59 25.35
CA TRP J 9 -14.00 -18.64 26.05
C TRP J 9 -13.69 -17.18 25.74
N ILE J 10 -12.42 -16.85 25.49
CA ILE J 10 -12.05 -15.44 25.30
C ILE J 10 -12.54 -14.91 23.96
N GLN J 11 -12.61 -15.74 22.93
CA GLN J 11 -13.33 -15.35 21.72
C GLN J 11 -14.82 -15.42 21.92
N SER J 12 -15.27 -16.27 22.85
CA SER J 12 -16.70 -16.43 23.06
C SER J 12 -17.31 -15.23 23.75
N LYS J 13 -16.56 -14.61 24.66
CA LYS J 13 -17.00 -13.44 25.41
C LYS J 13 -16.05 -12.27 25.19
N ARG J 14 -15.60 -12.08 23.95
CA ARG J 14 -14.76 -10.93 23.66
C ARG J 14 -15.52 -9.62 23.78
N GLU J 15 -16.79 -9.62 23.38
CA GLU J 15 -17.61 -8.43 23.58
C GLU J 15 -17.89 -8.19 25.06
N ASP J 16 -17.93 -9.25 25.86
CA ASP J 16 -17.98 -9.07 27.30
C ASP J 16 -16.66 -8.47 27.81
N ILE J 17 -15.54 -9.08 27.44
CA ILE J 17 -14.26 -8.75 28.06
C ILE J 17 -13.69 -7.42 27.54
N VAL J 18 -14.29 -6.82 26.52
CA VAL J 18 -13.79 -5.50 26.11
C VAL J 18 -14.35 -4.41 27.00
N ASN J 19 -15.63 -4.47 27.36
CA ASN J 19 -16.25 -3.42 28.16
C ASN J 19 -16.47 -3.86 29.60
N GLN J 20 -15.75 -4.88 30.07
CA GLN J 20 -15.83 -5.27 31.46
C GLN J 20 -14.47 -5.44 32.12
N MET J 21 -13.43 -5.76 31.37
CA MET J 21 -12.07 -5.85 31.89
C MET J 21 -11.48 -4.45 31.94
N THR J 22 -11.30 -3.92 33.15
CA THR J 22 -10.80 -2.57 33.28
C THR J 22 -9.30 -2.52 32.99
N GLU J 23 -8.79 -1.30 32.85
CA GLU J 23 -7.43 -1.09 32.41
C GLU J 23 -6.39 -1.55 33.42
N ALA J 24 -6.71 -1.56 34.70
CA ALA J 24 -5.76 -2.11 35.64
C ALA J 24 -5.84 -3.62 35.74
N CYS J 25 -7.05 -4.19 35.61
CA CYS J 25 -7.18 -5.63 35.47
C CYS J 25 -6.63 -6.10 34.14
N LEU J 26 -6.64 -5.22 33.13
CA LEU J 26 -5.80 -5.39 31.96
C LEU J 26 -4.33 -5.44 32.36
N ASN J 27 -3.86 -4.40 33.03
CA ASN J 27 -2.43 -4.26 33.27
C ASN J 27 -1.91 -5.11 34.41
N GLN J 28 -2.76 -5.57 35.34
CA GLN J 28 -2.24 -6.51 36.34
C GLN J 28 -1.98 -7.88 35.74
N SER J 29 -2.61 -8.18 34.60
CA SER J 29 -2.40 -9.43 33.91
C SER J 29 -1.42 -9.31 32.77
N LEU J 30 -1.43 -8.17 32.07
CA LEU J 30 -0.58 -8.03 30.91
C LEU J 30 0.88 -7.86 31.31
N ASP J 31 1.13 -7.18 32.43
CA ASP J 31 2.47 -7.16 33.00
C ASP J 31 2.83 -8.52 33.57
N ALA J 32 1.84 -9.28 34.04
CA ALA J 32 2.10 -10.63 34.50
C ALA J 32 2.43 -11.57 33.35
N LEU J 33 2.07 -11.21 32.12
CA LEU J 33 2.44 -12.02 30.97
C LEU J 33 3.94 -11.95 30.70
N LEU J 34 4.60 -10.88 31.12
CA LEU J 34 6.05 -10.80 31.00
C LEU J 34 6.77 -11.47 32.15
N SER J 35 6.05 -12.11 33.07
CA SER J 35 6.69 -12.72 34.22
C SER J 35 7.29 -14.08 33.87
N ARG J 36 6.62 -14.84 33.01
CA ARG J 36 7.10 -16.15 32.58
C ARG J 36 7.88 -16.08 31.28
N ASP J 37 8.22 -14.87 30.83
CA ASP J 37 8.71 -14.59 29.47
C ASP J 37 7.74 -15.18 28.44
N LEU J 38 6.45 -15.02 28.72
CA LEU J 38 5.40 -15.74 28.03
C LEU J 38 4.73 -14.89 26.97
N ILE J 39 4.73 -13.59 27.14
CA ILE J 39 4.49 -12.66 26.04
C ILE J 39 5.84 -12.06 25.67
N MET J 40 5.91 -11.38 24.55
CA MET J 40 7.16 -10.79 24.12
C MET J 40 7.43 -9.50 24.89
N LYS J 41 8.64 -8.97 24.69
CA LYS J 41 9.09 -7.78 25.39
C LYS J 41 9.13 -6.55 24.50
N GLU J 42 8.48 -6.62 23.33
CA GLU J 42 8.30 -5.42 22.53
C GLU J 42 6.91 -5.27 21.92
N ASP J 43 6.02 -6.26 22.06
CA ASP J 43 4.60 -6.01 21.88
C ASP J 43 3.95 -5.39 23.11
N TYR J 44 4.64 -5.38 24.26
CA TYR J 44 4.08 -4.78 25.46
C TYR J 44 3.94 -3.28 25.32
N GLU J 45 4.95 -2.62 24.78
CA GLU J 45 4.81 -1.19 24.55
C GLU J 45 4.09 -0.87 23.24
N LEU J 46 3.50 -1.85 22.58
CA LEU J 46 2.57 -1.60 21.49
C LEU J 46 1.13 -1.67 21.95
N VAL J 47 0.83 -2.49 22.96
CA VAL J 47 -0.51 -2.54 23.53
C VAL J 47 -0.70 -1.49 24.62
N SER J 48 0.37 -1.13 25.34
CA SER J 48 0.26 -0.08 26.34
C SER J 48 0.26 1.32 25.75
N THR J 49 0.82 1.48 24.54
CA THR J 49 0.93 2.80 23.94
C THR J 49 -0.36 3.25 23.26
N LYS J 50 -1.37 2.38 23.20
CA LYS J 50 -2.66 2.77 22.67
C LYS J 50 -3.26 3.85 23.55
N PRO J 51 -3.63 5.01 23.00
CA PRO J 51 -4.06 6.12 23.86
C PRO J 51 -5.40 5.86 24.52
N THR J 52 -6.32 5.24 23.80
CA THR J 52 -7.60 4.87 24.37
C THR J 52 -7.49 3.50 25.04
N ARG J 53 -8.43 3.25 25.95
CA ARG J 53 -8.47 1.94 26.59
C ARG J 53 -9.17 0.91 25.72
N THR J 54 -10.07 1.34 24.83
CA THR J 54 -10.81 0.40 24.01
C THR J 54 -9.93 -0.31 22.98
N SER J 55 -8.75 0.21 22.69
CA SER J 55 -7.77 -0.55 21.96
C SER J 55 -6.62 -1.01 22.84
N LYS J 56 -6.47 -0.44 24.05
CA LYS J 56 -5.49 -0.96 24.98
C LYS J 56 -5.90 -2.33 25.50
N VAL J 57 -7.20 -2.62 25.54
CA VAL J 57 -7.61 -3.97 25.94
C VAL J 57 -7.64 -4.90 24.73
N ARG J 58 -8.02 -4.40 23.55
CA ARG J 58 -8.21 -5.28 22.41
C ARG J 58 -6.93 -5.65 21.70
N GLN J 59 -5.90 -4.80 21.77
CA GLN J 59 -4.61 -5.18 21.22
C GLN J 59 -3.98 -6.30 22.03
N LEU J 60 -4.37 -6.46 23.30
CA LEU J 60 -4.14 -7.74 23.96
C LEU J 60 -5.11 -8.79 23.48
N LEU J 61 -6.38 -8.43 23.28
CA LEU J 61 -7.40 -9.44 23.00
C LEU J 61 -7.32 -10.03 21.61
N ASP J 62 -6.60 -9.43 20.67
CA ASP J 62 -6.28 -10.16 19.46
C ASP J 62 -4.92 -10.85 19.53
N THR J 63 -4.04 -10.34 20.39
CA THR J 63 -2.78 -11.02 20.65
C THR J 63 -3.03 -12.36 21.33
N THR J 64 -4.01 -12.41 22.22
CA THR J 64 -4.39 -13.70 22.78
C THR J 64 -5.22 -14.54 21.82
N ASP J 65 -5.74 -13.94 20.74
CA ASP J 65 -6.35 -14.74 19.68
C ASP J 65 -5.31 -15.42 18.81
N ILE J 66 -4.11 -14.85 18.74
CA ILE J 66 -3.09 -15.38 17.84
C ILE J 66 -2.06 -16.19 18.61
N GLN J 67 -1.77 -15.81 19.85
CA GLN J 67 -0.86 -16.60 20.64
C GLN J 67 -1.56 -17.87 21.12
N GLY J 68 -0.77 -18.83 21.58
CA GLY J 68 -1.22 -20.19 21.77
C GLY J 68 -2.17 -20.37 22.94
N GLU J 69 -2.54 -21.62 23.18
CA GLU J 69 -3.40 -21.92 24.32
C GLU J 69 -2.61 -21.85 25.62
N GLU J 70 -1.28 -21.99 25.56
CA GLU J 70 -0.44 -21.76 26.74
C GLU J 70 -0.37 -20.28 27.10
N PHE J 71 -0.73 -19.40 26.17
CA PHE J 71 -0.85 -17.98 26.45
C PHE J 71 -2.15 -17.69 27.18
N ALA J 72 -3.26 -18.15 26.62
CA ALA J 72 -4.58 -17.85 27.17
C ALA J 72 -4.91 -18.66 28.42
N LYS J 73 -4.18 -19.74 28.70
CA LYS J 73 -4.46 -20.51 29.91
C LYS J 73 -3.99 -19.79 31.16
N VAL J 74 -3.14 -18.77 31.01
CA VAL J 74 -2.67 -17.99 32.15
C VAL J 74 -3.34 -16.61 32.20
N ILE J 75 -3.97 -16.17 31.11
CA ILE J 75 -4.72 -14.92 31.14
C ILE J 75 -6.11 -15.13 31.73
N VAL J 76 -6.54 -16.37 31.92
CA VAL J 76 -7.92 -16.63 32.31
C VAL J 76 -8.09 -16.63 33.83
N GLN J 77 -7.18 -17.25 34.60
CA GLN J 77 -7.34 -17.22 36.05
C GLN J 77 -6.88 -15.90 36.63
N LYS J 78 -6.12 -15.12 35.87
CA LYS J 78 -5.92 -13.71 36.20
C LYS J 78 -7.15 -12.88 35.92
N LEU J 79 -8.16 -13.45 35.25
CA LEU J 79 -9.46 -12.84 35.09
C LEU J 79 -10.54 -13.56 35.88
N LYS J 80 -10.21 -14.64 36.58
CA LYS J 80 -11.15 -15.26 37.52
C LYS J 80 -10.82 -14.97 38.97
N ASP J 81 -9.58 -14.61 39.29
CA ASP J 81 -9.26 -14.18 40.64
C ASP J 81 -9.91 -12.84 40.98
N ASN J 82 -10.04 -11.97 39.98
CA ASN J 82 -10.82 -10.75 40.17
C ASN J 82 -12.30 -11.12 40.24
N LYS J 83 -13.00 -10.59 41.24
CA LYS J 83 -14.43 -10.86 41.39
C LYS J 83 -15.17 -10.03 40.35
N GLN J 84 -15.17 -10.55 39.12
CA GLN J 84 -15.84 -9.89 38.01
C GLN J 84 -16.98 -10.72 37.46
N MET J 85 -16.70 -11.94 37.02
CA MET J 85 -17.61 -12.87 36.36
C MET J 85 -16.90 -14.20 36.21
N GLY J 86 -17.64 -15.29 36.33
CA GLY J 86 -17.00 -16.60 36.31
C GLY J 86 -17.48 -17.57 35.25
N LEU J 87 -16.62 -17.81 34.27
CA LEU J 87 -16.81 -18.83 33.24
C LEU J 87 -15.43 -19.26 32.77
N GLN J 88 -15.20 -20.57 32.70
CA GLN J 88 -13.90 -21.05 32.28
C GLN J 88 -13.88 -21.31 30.78
#